data_5ZCW
#
_entry.id   5ZCW
#
_cell.length_a   71.100
_cell.length_b   114.420
_cell.length_c   166.420
_cell.angle_alpha   90.00
_cell.angle_beta   90.00
_cell.angle_gamma   90.00
#
_symmetry.space_group_name_H-M   'P 21 21 21'
#
loop_
_entity.id
_entity.type
_entity.pdbx_description
1 polymer 'Deoxyribodipyrimidine photolyase'
2 polymer "5'-D(*AP*TP*CP*GP*GP*CP*(TTD)P*CP*GP*CP*GP*CP*AP*A)-3'"
3 polymer "5'-D(*TP*GP*CP*GP*CP*GP*AP*AP*GP*CP*CP*GP*AP*T)-3'"
4 non-polymer 'SULFATE ION'
5 non-polymer 'FLAVIN-ADENINE DINUCLEOTIDE'
6 non-polymer 'ACETATE ION'
7 water water
#
loop_
_entity_poly.entity_id
_entity_poly.type
_entity_poly.pdbx_seq_one_letter_code
_entity_poly.pdbx_strand_id
1 'polypeptide(L)'
;MGSSHHHHHHSSGLVPRGSHMNPKRIRALKSGKQGDGPVVYWMSRDQRAEDNWALLFSRAIAKEANVPVVVVFCLTDEFL
EAGIRQYEFMLKGLQELEVSLSRKKIPSFFLRGDPGEKISRFVKDYNAGTLVTDFSPLRIKNQWIEKVISGISIPFFEVD
AHNVVPCWEASQKHEYAAHTFRPKLYALLPEFLEEFPELEPNSVTPELSAGAGMVETLSDVLETGVKALLPERALLKNKD
PLFEPWHFEPGEKAAKKVMESFIADRLDSYGALRNDPTKNMLSNLSPYLHFGQISSQRVVLEVEKAESNPGSKKAFLDEI
LIWKEISDNFCYYNPGYDGFESFPSWAKESLNAHRNDVRSHIYTLEEFEAGKTHDPLWNASQMELLSTGKMHGYTRMYWA
KKILEWSESPEKALEIAICLNDRYELDGRDPNGYAGIAWSIGGVHDRAWGEREVTGKIRYMSYEGCKRKFDVKLYIEKYS
AL
;
A,B
2 'polydeoxyribonucleotide' (DA)(DT)(DC)(DG)(DG)(DC)(TTD)(DC)(DG)(DC)(DG)(DC)(DA)(DA) C,E
3 'polydeoxyribonucleotide' (DT)(DG)(DC)(DG)(DC)(DG)(DA)(DA)(DG)(DC)(DC)(DG)(DA)(DT) D,F
#
loop_
_chem_comp.id
_chem_comp.type
_chem_comp.name
_chem_comp.formula
ACT non-polymer 'ACETATE ION' 'C2 H3 O2 -1'
DA DNA linking 2'-DEOXYADENOSINE-5'-MONOPHOSPHATE 'C10 H14 N5 O6 P'
DC DNA linking 2'-DEOXYCYTIDINE-5'-MONOPHOSPHATE 'C9 H14 N3 O7 P'
DG DNA linking 2'-DEOXYGUANOSINE-5'-MONOPHOSPHATE 'C10 H14 N5 O7 P'
DT DNA linking THYMIDINE-5'-MONOPHOSPHATE 'C10 H15 N2 O8 P'
FAD non-polymer 'FLAVIN-ADENINE DINUCLEOTIDE' 'C27 H33 N9 O15 P2'
SO4 non-polymer 'SULFATE ION' 'O4 S -2'
TTD DNA linking 'CIS-SYN CYCLOBUTANE THYMINE DIMER' 'C20 H28 N4 O15 P2'
#
# COMPACT_ATOMS: atom_id res chain seq x y z
N PRO A 16 33.97 27.44 0.90
CA PRO A 16 34.39 26.64 2.04
C PRO A 16 35.92 26.60 2.24
N ARG A 17 36.66 26.13 1.22
CA ARG A 17 38.14 26.19 1.13
C ARG A 17 38.97 25.52 2.25
N GLY A 18 39.24 24.21 2.11
CA GLY A 18 40.04 23.47 3.11
C GLY A 18 40.56 22.08 2.77
N SER A 19 41.41 21.57 3.66
CA SER A 19 42.07 20.26 3.51
C SER A 19 41.10 19.11 3.84
N HIS A 20 41.06 18.10 2.96
CA HIS A 20 40.16 16.96 3.04
C HIS A 20 38.70 17.37 3.00
N MET A 21 38.40 18.46 2.30
CA MET A 21 36.99 18.90 2.05
C MET A 21 36.71 19.11 0.53
N ASN A 22 36.51 18.00 -0.19
CA ASN A 22 36.27 18.08 -1.63
C ASN A 22 35.00 18.91 -1.79
N PRO A 23 35.02 19.96 -2.66
CA PRO A 23 33.83 20.81 -2.89
C PRO A 23 32.68 20.05 -3.54
N LYS A 24 33.01 18.95 -4.21
CA LYS A 24 32.00 18.17 -4.94
C LYS A 24 31.04 17.39 -4.02
N ARG A 25 31.36 17.31 -2.72
CA ARG A 25 30.45 16.73 -1.73
C ARG A 25 29.30 17.65 -1.35
N ILE A 26 29.36 18.93 -1.75
CA ILE A 26 28.30 19.91 -1.43
C ILE A 26 27.75 20.61 -2.70
N ARG A 27 26.45 20.93 -2.65
CA ARG A 27 25.81 21.65 -3.76
C ARG A 27 24.72 22.59 -3.25
N ALA A 28 24.39 23.61 -4.02
CA ALA A 28 23.49 24.65 -3.47
C ALA A 28 22.04 24.30 -3.80
N LEU A 29 21.22 24.09 -2.77
CA LEU A 29 19.79 23.92 -2.94
C LEU A 29 19.17 25.26 -3.36
N LYS A 30 19.61 26.37 -2.73
CA LYS A 30 19.19 27.70 -3.07
C LYS A 30 20.30 28.72 -2.81
N SER A 31 20.44 29.66 -3.72
CA SER A 31 21.36 30.81 -3.54
C SER A 31 20.61 31.98 -2.88
N GLY A 32 21.35 32.79 -2.15
CA GLY A 32 20.78 33.94 -1.46
C GLY A 32 21.90 34.75 -0.86
N LYS A 33 21.54 35.76 -0.07
CA LYS A 33 22.52 36.52 0.71
C LYS A 33 22.74 35.82 2.03
N GLN A 34 24.01 35.50 2.34
CA GLN A 34 24.36 34.90 3.65
C GLN A 34 23.90 35.80 4.81
N GLY A 35 23.30 35.19 5.83
CA GLY A 35 22.69 35.89 6.95
C GLY A 35 23.66 36.26 8.05
N ASP A 36 23.19 37.12 8.97
CA ASP A 36 24.03 37.56 10.11
C ASP A 36 24.38 36.42 11.10
N GLY A 37 23.50 35.41 11.16
CA GLY A 37 23.45 34.43 12.23
C GLY A 37 24.22 33.16 12.09
N PRO A 38 23.96 32.18 13.00
CA PRO A 38 24.73 30.91 13.11
C PRO A 38 24.47 29.97 11.95
N VAL A 39 25.42 29.09 11.65
CA VAL A 39 25.21 28.07 10.64
C VAL A 39 24.39 26.96 11.29
N VAL A 40 23.29 26.59 10.69
CA VAL A 40 22.37 25.58 11.24
C VAL A 40 22.45 24.30 10.40
N TYR A 41 22.83 23.19 11.01
CA TYR A 41 22.85 21.91 10.37
C TYR A 41 21.52 21.23 10.77
N TRP A 42 20.66 21.06 9.75
CA TRP A 42 19.42 20.30 9.92
C TRP A 42 19.83 18.85 9.75
N MET A 43 19.94 18.17 10.89
CA MET A 43 20.29 16.74 10.90
C MET A 43 19.03 15.92 10.67
N SER A 44 19.11 14.93 9.76
CA SER A 44 17.96 14.07 9.47
C SER A 44 18.43 12.61 9.31
N ARG A 45 19.12 12.34 8.20
CA ARG A 45 19.62 11.01 7.94
C ARG A 45 20.84 10.58 8.79
N ASP A 46 21.77 11.49 9.08
CA ASP A 46 23.04 11.12 9.64
C ASP A 46 23.17 11.57 11.10
N GLN A 47 22.60 10.76 12.01
CA GLN A 47 22.48 11.11 13.41
C GLN A 47 23.71 10.70 14.21
N ARG A 48 24.84 11.38 13.94
CA ARG A 48 26.11 11.08 14.59
C ARG A 48 27.00 12.35 14.64
N ALA A 49 27.90 12.43 15.63
CA ALA A 49 28.86 13.54 15.68
C ALA A 49 30.15 13.26 14.87
N GLU A 50 30.63 12.00 14.88
CA GLU A 50 31.85 11.64 14.15
C GLU A 50 31.60 11.23 12.68
N ASP A 51 32.62 11.44 11.83
CA ASP A 51 32.61 10.97 10.42
C ASP A 51 31.33 11.38 9.69
N ASN A 52 30.94 12.64 9.82
CA ASN A 52 29.70 13.22 9.24
C ASN A 52 30.10 14.40 8.36
N TRP A 53 30.11 14.25 7.04
CA TRP A 53 30.55 15.32 6.15
C TRP A 53 29.61 16.54 6.23
N ALA A 54 28.33 16.33 6.45
CA ALA A 54 27.39 17.47 6.56
C ALA A 54 27.64 18.30 7.81
N LEU A 55 27.85 17.67 8.97
CA LEU A 55 28.20 18.41 10.18
C LEU A 55 29.53 19.16 9.96
N LEU A 56 30.50 18.49 9.37
CA LEU A 56 31.82 19.07 9.10
C LEU A 56 31.78 20.25 8.15
N PHE A 57 31.04 20.17 7.07
CA PHE A 57 30.88 21.27 6.13
C PHE A 57 30.17 22.43 6.82
N SER A 58 29.15 22.13 7.59
CA SER A 58 28.43 23.17 8.36
C SER A 58 29.38 23.88 9.32
N ARG A 59 30.25 23.12 9.96
CA ARG A 59 31.29 23.68 10.85
C ARG A 59 32.26 24.59 10.06
N ALA A 60 32.66 24.16 8.90
CA ALA A 60 33.61 24.91 8.06
C ALA A 60 32.99 26.21 7.62
N ILE A 61 31.72 26.20 7.25
CA ILE A 61 31.04 27.47 6.84
C ILE A 61 31.03 28.39 8.04
N ALA A 62 30.83 27.81 9.25
CA ALA A 62 30.85 28.58 10.48
C ALA A 62 32.21 29.24 10.73
N LYS A 63 33.29 28.57 10.41
CA LYS A 63 34.63 29.10 10.70
C LYS A 63 34.93 30.26 9.75
N GLU A 64 34.60 30.09 8.45
CA GLU A 64 34.85 31.14 7.48
C GLU A 64 34.04 32.39 7.82
N ALA A 65 32.88 32.22 8.46
CA ALA A 65 32.00 33.37 8.74
C ALA A 65 32.13 33.85 10.19
N ASN A 66 33.04 33.27 10.97
CA ASN A 66 33.18 33.63 12.39
C ASN A 66 31.85 33.54 13.17
N VAL A 67 31.16 32.41 13.02
CA VAL A 67 29.89 32.13 13.69
C VAL A 67 29.83 30.74 14.30
N PRO A 68 28.94 30.52 15.30
CA PRO A 68 28.75 29.16 15.89
C PRO A 68 28.02 28.20 14.96
N VAL A 69 28.27 26.89 15.11
CA VAL A 69 27.46 25.89 14.42
C VAL A 69 26.49 25.23 15.38
N VAL A 70 25.24 25.03 14.95
CA VAL A 70 24.21 24.44 15.81
C VAL A 70 23.50 23.32 15.07
N VAL A 71 23.01 22.32 15.82
CA VAL A 71 22.32 21.19 15.21
C VAL A 71 20.85 21.27 15.59
N VAL A 72 19.95 21.16 14.58
CA VAL A 72 18.51 21.07 14.82
C VAL A 72 17.97 19.75 14.21
N PHE A 73 17.07 19.10 14.96
CA PHE A 73 16.47 17.84 14.59
C PHE A 73 14.96 17.94 14.84
N CYS A 74 14.17 17.41 13.92
CA CYS A 74 12.72 17.51 14.01
C CYS A 74 12.12 16.12 14.41
N LEU A 75 11.45 16.11 15.57
CA LEU A 75 10.75 14.94 16.05
C LEU A 75 9.34 14.96 15.43
N THR A 76 9.16 14.17 14.35
CA THR A 76 7.94 14.14 13.59
C THR A 76 6.92 13.19 14.19
N ASP A 77 5.71 13.12 13.60
CA ASP A 77 4.69 12.12 13.95
C ASP A 77 4.85 10.79 13.13
N GLU A 78 5.95 10.68 12.41
CA GLU A 78 6.30 9.48 11.61
C GLU A 78 6.48 8.25 12.51
N PHE A 79 6.85 8.47 13.78
CA PHE A 79 7.09 7.36 14.73
C PHE A 79 5.88 6.44 14.95
N LEU A 80 4.69 7.04 14.92
CA LEU A 80 3.42 6.34 15.05
C LEU A 80 3.20 5.30 13.91
N GLU A 81 3.86 5.52 12.78
CA GLU A 81 3.88 4.58 11.65
C GLU A 81 4.58 3.24 11.91
N ALA A 82 5.61 3.27 12.77
CA ALA A 82 6.45 2.11 13.03
C ALA A 82 6.19 1.72 14.47
N GLY A 83 7.12 1.05 15.12
CA GLY A 83 6.94 0.61 16.51
C GLY A 83 7.79 1.34 17.52
N ILE A 84 7.62 0.94 18.77
CA ILE A 84 8.44 1.42 19.88
C ILE A 84 9.86 0.94 19.69
N ARG A 85 10.07 -0.20 19.02
CA ARG A 85 11.43 -0.74 18.80
C ARG A 85 12.34 0.30 18.08
N GLN A 86 11.86 0.89 16.97
CA GLN A 86 12.68 1.90 16.26
C GLN A 86 12.63 3.22 16.92
N TYR A 87 11.52 3.61 17.57
CA TYR A 87 11.43 4.91 18.28
C TYR A 87 12.43 4.91 19.46
N GLU A 88 12.43 3.83 20.28
CA GLU A 88 13.43 3.72 21.34
C GLU A 88 14.89 3.72 20.81
N PHE A 89 15.13 3.00 19.71
CA PHE A 89 16.48 2.94 19.13
C PHE A 89 16.94 4.35 18.72
N MET A 90 16.11 5.05 17.96
CA MET A 90 16.43 6.40 17.53
C MET A 90 16.57 7.36 18.69
N LEU A 91 15.55 7.37 19.55
CA LEU A 91 15.46 8.38 20.66
C LEU A 91 16.55 8.09 21.68
N LYS A 92 16.80 6.82 22.01
CA LYS A 92 17.91 6.48 22.92
C LYS A 92 19.24 6.91 22.32
N GLY A 93 19.36 6.75 21.00
CA GLY A 93 20.55 7.22 20.27
C GLY A 93 20.66 8.72 20.35
N LEU A 94 19.55 9.44 20.17
CA LEU A 94 19.56 10.89 20.20
C LEU A 94 19.88 11.42 21.60
N GLN A 95 19.51 10.71 22.67
CA GLN A 95 19.88 11.18 24.03
C GLN A 95 21.40 11.15 24.18
N GLU A 96 22.01 10.09 23.66
CA GLU A 96 23.48 9.96 23.69
C GLU A 96 24.09 11.06 22.80
N LEU A 97 23.46 11.34 21.64
CA LEU A 97 23.96 12.34 20.71
C LEU A 97 23.96 13.78 21.29
N GLU A 98 22.94 14.11 22.05
CA GLU A 98 22.84 15.42 22.67
C GLU A 98 24.06 15.63 23.60
N VAL A 99 24.38 14.60 24.36
CA VAL A 99 25.53 14.61 25.28
C VAL A 99 26.83 14.69 24.44
N SER A 100 26.93 13.92 23.36
CA SER A 100 28.16 13.95 22.51
C SER A 100 28.33 15.36 21.93
N LEU A 101 27.23 15.90 21.37
CA LEU A 101 27.27 17.21 20.75
C LEU A 101 27.64 18.31 21.78
N SER A 102 27.16 18.09 23.01
CA SER A 102 27.35 19.06 24.13
C SER A 102 28.84 19.11 24.56
N ARG A 103 29.53 17.97 24.54
CA ARG A 103 30.96 17.94 24.80
C ARG A 103 31.76 18.71 23.75
N LYS A 104 31.21 18.85 22.54
CA LYS A 104 31.83 19.64 21.46
C LYS A 104 31.34 21.08 21.49
N LYS A 105 30.69 21.46 22.59
CA LYS A 105 30.07 22.80 22.79
C LYS A 105 29.11 23.11 21.64
N ILE A 106 28.47 22.07 21.08
CA ILE A 106 27.49 22.27 19.99
C ILE A 106 26.12 22.07 20.63
N PRO A 107 25.30 23.14 20.60
CA PRO A 107 23.93 22.99 21.12
C PRO A 107 23.05 22.23 20.12
N SER A 108 22.09 21.44 20.63
CA SER A 108 21.18 20.73 19.76
C SER A 108 19.75 21.13 20.14
N PHE A 109 18.93 21.46 19.13
CA PHE A 109 17.55 21.83 19.36
C PHE A 109 16.63 20.78 18.77
N PHE A 110 15.68 20.24 19.56
CA PHE A 110 14.75 19.22 19.16
C PHE A 110 13.38 19.86 18.99
N LEU A 111 12.91 19.90 17.76
CA LEU A 111 11.60 20.47 17.44
C LEU A 111 10.61 19.32 17.34
N ARG A 112 9.33 19.55 17.71
CA ARG A 112 8.29 18.56 17.49
C ARG A 112 7.35 19.10 16.40
N GLY A 113 7.01 18.25 15.42
CA GLY A 113 6.11 18.68 14.36
C GLY A 113 6.65 18.44 12.95
N ASP A 114 6.04 19.13 12.00
CA ASP A 114 6.36 19.00 10.58
C ASP A 114 7.63 19.78 10.23
N PRO A 115 8.66 19.09 9.71
CA PRO A 115 9.93 19.75 9.30
C PRO A 115 9.75 20.90 8.29
N GLY A 116 8.79 20.81 7.40
CA GLY A 116 8.58 21.86 6.40
C GLY A 116 8.26 23.21 7.00
N GLU A 117 7.44 23.19 8.04
CA GLU A 117 7.06 24.42 8.78
C GLU A 117 8.04 24.74 9.92
N LYS A 118 8.45 23.71 10.67
CA LYS A 118 9.30 23.89 11.85
C LYS A 118 10.76 24.28 11.54
N ILE A 119 11.35 23.82 10.47
CA ILE A 119 12.71 24.23 10.10
C ILE A 119 12.69 25.70 9.66
N SER A 120 11.70 26.07 8.87
CA SER A 120 11.51 27.47 8.42
C SER A 120 11.36 28.42 9.60
N ARG A 121 10.51 28.06 10.55
CA ARG A 121 10.27 28.93 11.70
C ARG A 121 11.51 29.05 12.57
N PHE A 122 12.25 27.97 12.73
CA PHE A 122 13.47 27.96 13.53
C PHE A 122 14.51 28.89 12.90
N VAL A 123 14.61 28.88 11.60
CA VAL A 123 15.61 29.76 10.92
C VAL A 123 15.25 31.20 11.25
N LYS A 124 13.98 31.59 11.16
CA LYS A 124 13.59 32.98 11.55
C LYS A 124 13.79 33.20 13.06
N ASP A 125 13.33 32.28 13.90
CA ASP A 125 13.42 32.46 15.36
C ASP A 125 14.83 32.52 15.89
N TYR A 126 15.73 31.77 15.27
CA TYR A 126 17.13 31.67 15.75
C TYR A 126 18.07 32.53 14.90
N ASN A 127 17.53 33.27 13.94
CA ASN A 127 18.33 34.18 13.11
C ASN A 127 19.53 33.48 12.40
N ALA A 128 19.24 32.42 11.66
CA ALA A 128 20.21 31.64 10.95
C ALA A 128 20.86 32.41 9.80
N GLY A 129 22.14 32.18 9.55
CA GLY A 129 22.83 32.78 8.43
C GLY A 129 22.88 31.87 7.21
N THR A 130 23.07 30.59 7.47
CA THR A 130 23.21 29.55 6.44
C THR A 130 22.56 28.24 6.92
N LEU A 131 21.81 27.58 6.03
CA LEU A 131 21.21 26.27 6.38
C LEU A 131 21.94 25.16 5.62
N VAL A 132 22.32 24.08 6.30
CA VAL A 132 22.89 22.89 5.70
C VAL A 132 22.09 21.65 6.18
N THR A 133 21.80 20.76 5.26
CA THR A 133 21.23 19.47 5.58
C THR A 133 22.03 18.34 4.88
N ASP A 134 21.79 17.10 5.35
CA ASP A 134 22.44 15.93 4.77
C ASP A 134 21.57 15.46 3.56
N PHE A 135 22.00 14.38 2.91
CA PHE A 135 21.33 13.92 1.70
C PHE A 135 20.53 12.62 1.90
N SER A 136 19.23 12.67 1.56
CA SER A 136 18.41 11.51 1.39
C SER A 136 17.76 11.56 -0.03
N PRO A 137 17.77 10.42 -0.76
CA PRO A 137 17.05 10.33 -2.03
C PRO A 137 15.56 10.00 -1.81
N LEU A 138 15.13 9.85 -0.56
CA LEU A 138 13.72 9.57 -0.27
C LEU A 138 12.83 10.78 -0.57
N ARG A 139 11.61 10.49 -0.99
CA ARG A 139 10.63 11.53 -1.40
C ARG A 139 10.35 12.56 -0.34
N ILE A 140 10.23 12.11 0.91
CA ILE A 140 9.81 12.99 1.97
C ILE A 140 10.84 14.09 2.27
N LYS A 141 12.12 13.76 2.24
CA LYS A 141 13.14 14.76 2.56
C LYS A 141 13.11 15.85 1.47
N ASN A 142 12.98 15.43 0.21
CA ASN A 142 12.92 16.34 -0.93
C ASN A 142 11.70 17.25 -0.82
N GLN A 143 10.56 16.71 -0.43
CA GLN A 143 9.35 17.49 -0.19
C GLN A 143 9.56 18.56 0.87
N TRP A 144 10.20 18.18 1.99
CA TRP A 144 10.50 19.13 3.07
C TRP A 144 11.50 20.21 2.60
N ILE A 145 12.57 19.83 1.90
CA ILE A 145 13.52 20.78 1.35
C ILE A 145 12.82 21.82 0.43
N GLU A 146 11.91 21.37 -0.44
CA GLU A 146 11.19 22.29 -1.30
C GLU A 146 10.36 23.33 -0.47
N LYS A 147 9.72 22.84 0.55
CA LYS A 147 8.89 23.69 1.45
C LYS A 147 9.77 24.68 2.16
N VAL A 148 10.90 24.22 2.67
CA VAL A 148 11.86 25.05 3.43
C VAL A 148 12.44 26.14 2.51
N ILE A 149 12.72 25.78 1.26
CA ILE A 149 13.35 26.71 0.29
C ILE A 149 12.40 27.90 0.06
N SER A 150 11.09 27.62 0.05
CA SER A 150 10.06 28.61 -0.19
C SER A 150 9.82 29.50 1.04
N GLY A 151 10.36 29.08 2.18
CA GLY A 151 10.14 29.81 3.45
C GLY A 151 11.34 30.54 4.04
N ILE A 152 12.45 30.55 3.31
CA ILE A 152 13.72 31.13 3.88
C ILE A 152 14.44 32.02 2.88
N SER A 153 15.17 33.04 3.35
CA SER A 153 15.90 33.98 2.49
C SER A 153 17.41 33.56 2.28
N ILE A 154 17.91 32.76 3.24
CA ILE A 154 19.33 32.47 3.35
C ILE A 154 19.79 31.41 2.34
N PRO A 155 21.12 31.30 2.14
CA PRO A 155 21.64 30.20 1.32
C PRO A 155 21.42 28.83 1.96
N PHE A 156 21.12 27.83 1.15
CA PHE A 156 20.80 26.46 1.60
C PHE A 156 21.67 25.44 0.87
N PHE A 157 22.48 24.71 1.58
CA PHE A 157 23.39 23.68 0.97
C PHE A 157 23.02 22.24 1.37
N GLU A 158 23.27 21.30 0.45
CA GLU A 158 23.07 19.88 0.67
C GLU A 158 24.42 19.18 0.64
N VAL A 159 24.70 18.33 1.65
CA VAL A 159 25.98 17.60 1.71
C VAL A 159 25.69 16.08 1.81
N ASP A 160 26.30 15.30 0.91
CA ASP A 160 26.19 13.86 0.94
C ASP A 160 27.13 13.32 2.03
N ALA A 161 26.55 13.01 3.19
CA ALA A 161 27.28 12.47 4.33
C ALA A 161 27.10 10.94 4.42
N HIS A 162 26.27 10.36 3.56
CA HIS A 162 25.92 8.92 3.68
C HIS A 162 26.69 8.02 2.69
N ASN A 163 26.92 8.54 1.49
CA ASN A 163 27.64 7.82 0.41
C ASN A 163 29.11 8.30 0.31
N VAL A 164 30.04 7.40 0.01
CA VAL A 164 31.45 7.71 -0.09
C VAL A 164 31.67 8.67 -1.26
N VAL A 165 31.13 8.32 -2.43
CA VAL A 165 31.09 9.20 -3.60
C VAL A 165 29.69 9.85 -3.60
N PRO A 166 29.65 11.20 -3.72
CA PRO A 166 28.35 11.87 -3.69
C PRO A 166 27.45 11.30 -4.78
N CYS A 167 26.19 11.07 -4.45
CA CYS A 167 25.20 10.42 -5.34
C CYS A 167 25.10 11.08 -6.72
N TRP A 168 24.98 12.39 -6.74
CA TRP A 168 24.86 13.12 -8.04
C TRP A 168 26.21 13.02 -8.83
N GLU A 169 27.32 12.92 -8.11
CA GLU A 169 28.66 12.78 -8.81
C GLU A 169 28.96 11.39 -9.40
N ALA A 170 28.61 10.33 -8.71
CA ALA A 170 28.99 8.97 -9.14
C ALA A 170 28.42 8.65 -10.52
N SER A 171 27.17 9.07 -10.76
CA SER A 171 26.52 8.93 -12.03
C SER A 171 25.44 9.99 -12.19
N GLN A 172 25.22 10.40 -13.45
CA GLN A 172 24.22 11.41 -13.77
C GLN A 172 22.91 10.79 -14.26
N LYS A 173 22.80 9.46 -14.16
CA LYS A 173 21.58 8.74 -14.58
C LYS A 173 21.36 7.44 -13.75
N HIS A 174 20.16 6.88 -13.89
CA HIS A 174 19.84 5.54 -13.40
C HIS A 174 20.80 4.52 -14.02
N GLU A 175 21.39 3.66 -13.18
CA GLU A 175 22.30 2.62 -13.62
C GLU A 175 21.60 1.25 -13.73
N TYR A 176 21.69 0.64 -14.91
CA TYR A 176 20.93 -0.60 -15.18
C TYR A 176 21.28 -1.77 -14.26
N ALA A 177 22.59 -1.92 -13.98
CA ALA A 177 23.13 -3.00 -13.18
C ALA A 177 24.33 -2.55 -12.35
N ALA A 178 24.76 -3.36 -11.40
CA ALA A 178 25.94 -3.02 -10.60
C ALA A 178 27.16 -2.94 -11.54
N HIS A 179 27.16 -3.74 -12.61
CA HIS A 179 28.34 -3.72 -13.51
C HIS A 179 28.52 -2.37 -14.24
N THR A 180 27.44 -1.71 -14.64
CA THR A 180 27.64 -0.37 -15.26
C THR A 180 28.08 0.65 -14.20
N PHE A 181 27.57 0.50 -12.99
CA PHE A 181 27.89 1.38 -11.85
C PHE A 181 29.32 1.20 -11.31
N ARG A 182 29.82 -0.04 -11.33
CA ARG A 182 31.08 -0.36 -10.69
C ARG A 182 32.24 0.42 -11.33
N PRO A 183 32.36 0.46 -12.67
CA PRO A 183 33.41 1.29 -13.27
C PRO A 183 33.30 2.77 -12.95
N LYS A 184 32.10 3.35 -12.92
CA LYS A 184 31.99 4.80 -12.66
C LYS A 184 32.35 5.07 -11.18
N LEU A 185 31.87 4.27 -10.25
CA LEU A 185 32.12 4.43 -8.80
C LEU A 185 33.60 4.20 -8.52
N TYR A 186 34.15 3.10 -9.03
CA TYR A 186 35.54 2.78 -8.76
C TYR A 186 36.51 3.79 -9.37
N ALA A 187 36.18 4.39 -10.49
CA ALA A 187 37.05 5.48 -11.09
C ALA A 187 37.16 6.67 -10.13
N LEU A 188 36.10 6.91 -9.35
CA LEU A 188 36.03 8.07 -8.43
C LEU A 188 36.42 7.70 -6.99
N LEU A 189 36.67 6.42 -6.69
CA LEU A 189 37.01 6.01 -5.33
C LEU A 189 38.33 6.53 -4.85
N PRO A 190 39.39 6.52 -5.70
CA PRO A 190 40.66 7.12 -5.24
C PRO A 190 40.52 8.58 -4.78
N GLU A 191 39.71 9.37 -5.47
CA GLU A 191 39.43 10.74 -5.08
C GLU A 191 38.62 10.81 -3.79
N PHE A 192 37.52 10.08 -3.74
CA PHE A 192 36.50 10.29 -2.67
C PHE A 192 36.63 9.39 -1.43
N LEU A 193 37.35 8.28 -1.55
CA LEU A 193 37.58 7.40 -0.39
C LEU A 193 38.77 7.99 0.33
N GLU A 194 38.50 8.77 1.38
CA GLU A 194 39.52 9.51 2.11
C GLU A 194 39.15 9.54 3.60
N GLU A 195 40.14 9.82 4.45
CA GLU A 195 39.88 9.90 5.89
C GLU A 195 39.07 11.14 6.23
N PHE A 196 38.59 11.22 7.47
CA PHE A 196 37.79 12.36 7.95
C PHE A 196 38.62 13.29 8.80
N PRO A 197 38.44 14.62 8.62
CA PRO A 197 38.91 15.60 9.62
C PRO A 197 38.20 15.44 10.94
N GLU A 198 38.83 15.77 12.08
CA GLU A 198 38.16 15.78 13.35
C GLU A 198 37.17 16.97 13.36
N LEU A 199 36.04 16.77 14.04
CA LEU A 199 35.06 17.85 14.18
C LEU A 199 35.63 18.85 15.21
N GLU A 200 35.64 20.13 14.81
CA GLU A 200 36.16 21.20 15.67
C GLU A 200 35.01 21.67 16.58
N PRO A 201 35.28 21.77 17.91
CA PRO A 201 34.23 22.34 18.77
C PRO A 201 33.96 23.81 18.47
N ASN A 202 32.83 24.28 18.98
CA ASN A 202 32.43 25.68 18.77
C ASN A 202 33.41 26.69 19.35
N SER A 203 33.65 27.76 18.61
CA SER A 203 34.45 28.90 19.10
C SER A 203 33.56 30.03 19.58
N VAL A 204 32.57 30.39 18.76
CA VAL A 204 31.66 31.49 19.07
C VAL A 204 30.59 31.02 20.05
N THR A 205 30.22 31.90 20.99
CA THR A 205 29.19 31.57 21.99
C THR A 205 27.82 31.54 21.34
N PRO A 206 27.10 30.40 21.48
CA PRO A 206 25.82 30.18 20.83
C PRO A 206 24.64 30.73 21.62
N GLU A 207 23.88 31.65 21.03
CA GLU A 207 22.73 32.25 21.70
C GLU A 207 21.74 31.17 22.11
N MET A 214 12.16 23.50 21.65
CA MET A 214 11.11 22.95 22.50
C MET A 214 11.57 22.89 23.96
N VAL A 215 10.60 22.88 24.87
CA VAL A 215 10.90 22.94 26.31
C VAL A 215 10.95 21.58 27.00
N GLU A 216 10.23 20.59 26.47
CA GLU A 216 10.17 19.24 27.07
C GLU A 216 11.52 18.52 27.01
N THR A 217 11.76 17.60 27.95
CA THR A 217 12.97 16.75 27.93
C THR A 217 12.82 15.70 26.84
N LEU A 218 13.92 15.17 26.28
CA LEU A 218 13.79 14.09 25.31
C LEU A 218 13.20 12.83 25.98
N SER A 219 13.51 12.68 27.27
CA SER A 219 12.94 11.57 28.08
C SER A 219 11.42 11.73 28.13
N ASP A 220 10.94 12.97 28.32
CA ASP A 220 9.47 13.20 28.31
C ASP A 220 8.80 12.81 26.97
N VAL A 221 9.41 13.19 25.84
CA VAL A 221 9.01 12.86 24.52
C VAL A 221 8.91 11.31 24.32
N LEU A 222 9.94 10.61 24.79
CA LEU A 222 9.98 9.14 24.74
C LEU A 222 8.81 8.55 25.52
N GLU A 223 8.60 9.04 26.77
CA GLU A 223 7.49 8.60 27.60
C GLU A 223 6.14 8.89 26.93
N THR A 224 5.96 10.10 26.38
CA THR A 224 4.65 10.37 25.70
C THR A 224 4.50 9.50 24.46
N GLY A 225 5.59 9.35 23.68
CA GLY A 225 5.53 8.50 22.48
C GLY A 225 5.31 7.03 22.77
N VAL A 226 5.97 6.50 23.81
CA VAL A 226 5.77 5.09 24.17
C VAL A 226 4.35 4.85 24.68
N LYS A 227 3.69 5.79 25.38
CA LYS A 227 2.31 5.60 25.78
C LYS A 227 1.37 5.55 24.55
N ALA A 228 1.61 6.42 23.58
CA ALA A 228 0.85 6.44 22.33
C ALA A 228 0.94 5.14 21.51
N LEU A 229 2.10 4.47 21.58
CA LEU A 229 2.37 3.23 20.83
C LEU A 229 2.05 1.96 21.61
N LEU A 230 1.85 2.08 22.92
CA LEU A 230 1.64 0.92 23.81
C LEU A 230 0.42 0.00 23.43
N PRO A 231 -0.71 0.59 23.00
CA PRO A 231 -1.84 -0.28 22.61
C PRO A 231 -1.49 -1.22 21.45
N GLU A 232 -0.68 -0.74 20.50
CA GLU A 232 -0.40 -1.45 19.24
C GLU A 232 0.94 -2.19 19.30
N ARG A 233 1.61 -2.21 20.45
CA ARG A 233 2.88 -2.91 20.64
C ARG A 233 2.76 -4.43 20.36
N ALA A 234 3.82 -5.06 19.82
CA ALA A 234 3.78 -6.49 19.46
C ALA A 234 3.83 -7.41 20.69
N LEU A 235 2.73 -8.17 20.91
CA LEU A 235 2.60 -9.13 22.01
C LEU A 235 2.51 -10.58 21.50
N LEU A 236 3.04 -11.50 22.32
CA LEU A 236 2.76 -12.96 22.18
C LEU A 236 1.37 -13.26 22.73
N LYS A 237 0.86 -14.47 22.50
CA LYS A 237 -0.54 -14.81 22.85
C LYS A 237 -0.82 -14.69 24.37
N ASN A 238 0.21 -14.98 25.18
CA ASN A 238 0.12 -14.94 26.66
C ASN A 238 0.34 -13.53 27.25
N LYS A 239 0.34 -12.50 26.39
CA LYS A 239 0.45 -11.07 26.79
C LYS A 239 1.92 -10.60 26.88
N ASP A 240 2.87 -11.52 26.73
CA ASP A 240 4.29 -11.20 26.88
C ASP A 240 4.81 -10.55 25.58
N PRO A 241 5.58 -9.45 25.70
CA PRO A 241 5.99 -8.74 24.45
C PRO A 241 6.97 -9.54 23.58
N LEU A 242 6.81 -9.42 22.26
CA LEU A 242 7.62 -10.16 21.29
C LEU A 242 9.05 -9.62 21.19
N PHE A 243 9.18 -8.29 21.18
CA PHE A 243 10.48 -7.66 20.92
C PHE A 243 11.52 -7.87 22.02
N GLU A 244 12.72 -8.25 21.64
CA GLU A 244 13.83 -8.42 22.54
C GLU A 244 14.76 -7.27 22.28
N PRO A 245 14.89 -6.28 23.20
CA PRO A 245 15.69 -5.08 22.94
C PRO A 245 17.22 -5.24 23.11
N TRP A 246 17.68 -6.37 23.59
CA TRP A 246 19.11 -6.56 23.91
C TRP A 246 20.02 -6.95 22.74
N HIS A 247 19.48 -7.31 21.60
CA HIS A 247 20.29 -7.77 20.46
C HIS A 247 21.17 -6.67 19.81
N PHE A 248 20.63 -5.47 19.62
CA PHE A 248 21.45 -4.33 19.16
C PHE A 248 21.16 -3.20 20.11
N GLU A 249 22.16 -2.85 20.95
CA GLU A 249 22.04 -1.73 21.92
CA GLU A 249 22.02 -1.74 21.91
C GLU A 249 22.22 -0.52 21.02
N PRO A 250 21.39 0.56 21.20
CA PRO A 250 21.49 1.76 20.36
C PRO A 250 22.59 2.76 20.73
N GLY A 251 22.92 3.57 19.72
CA GLY A 251 23.83 4.69 19.88
C GLY A 251 25.14 4.61 19.13
N GLU A 252 25.80 5.77 19.10
CA GLU A 252 27.08 5.96 18.38
C GLU A 252 28.19 5.08 18.99
N LYS A 253 28.26 5.03 20.32
CA LYS A 253 29.23 4.19 21.03
C LYS A 253 29.02 2.68 20.76
N ALA A 254 27.78 2.23 20.84
CA ALA A 254 27.43 0.84 20.56
C ALA A 254 27.71 0.47 19.10
N ALA A 255 27.38 1.37 18.18
CA ALA A 255 27.64 1.14 16.72
C ALA A 255 29.08 0.80 16.43
N LYS A 256 29.97 1.57 17.01
CA LYS A 256 31.40 1.40 16.82
C LYS A 256 31.87 0.05 17.38
N LYS A 257 31.33 -0.36 18.53
CA LYS A 257 31.68 -1.66 19.14
C LYS A 257 31.29 -2.80 18.23
N VAL A 258 30.13 -2.69 17.58
CA VAL A 258 29.69 -3.67 16.57
C VAL A 258 30.63 -3.73 15.34
N MET A 259 31.10 -2.58 14.86
CA MET A 259 32.04 -2.53 13.74
C MET A 259 33.37 -3.19 14.12
N GLU A 260 33.78 -2.94 15.33
CA GLU A 260 35.04 -3.50 15.85
C GLU A 260 34.95 -5.01 15.98
N SER A 261 33.82 -5.54 16.51
CA SER A 261 33.66 -6.99 16.66
C SER A 261 33.51 -7.67 15.28
N PHE A 262 32.87 -7.00 14.33
CA PHE A 262 32.81 -7.53 12.97
C PHE A 262 34.19 -7.75 12.38
N ILE A 263 35.07 -6.77 12.47
CA ILE A 263 36.43 -6.91 11.92
C ILE A 263 37.21 -8.02 12.66
N ALA A 264 37.11 -7.97 13.97
CA ALA A 264 37.73 -8.92 14.94
C ALA A 264 37.19 -10.34 14.86
N ASP A 265 35.87 -10.47 14.83
CA ASP A 265 35.23 -11.79 14.95
C ASP A 265 34.49 -12.34 13.71
N ARG A 266 33.99 -11.48 12.83
CA ARG A 266 33.13 -11.95 11.75
C ARG A 266 33.65 -11.70 10.30
N LEU A 267 34.49 -10.70 10.03
CA LEU A 267 34.93 -10.42 8.64
C LEU A 267 35.69 -11.55 7.98
N ASP A 268 36.54 -12.29 8.68
CA ASP A 268 37.28 -13.39 8.04
C ASP A 268 36.34 -14.42 7.38
N SER A 269 35.30 -14.81 8.11
CA SER A 269 34.32 -15.81 7.64
C SER A 269 33.22 -15.22 6.74
N TYR A 270 33.17 -13.92 6.58
CA TYR A 270 32.07 -13.26 5.82
C TYR A 270 32.01 -13.69 4.36
N GLY A 271 33.12 -13.82 3.65
CA GLY A 271 33.01 -14.26 2.24
C GLY A 271 32.38 -15.62 2.14
N ALA A 272 32.73 -16.54 3.05
CA ALA A 272 32.17 -17.91 3.02
C ALA A 272 30.74 -18.01 3.61
N LEU A 273 30.46 -17.26 4.67
CA LEU A 273 29.24 -17.51 5.47
C LEU A 273 28.18 -16.38 5.49
N ARG A 274 28.34 -15.33 4.68
CA ARG A 274 27.40 -14.19 4.71
C ARG A 274 25.97 -14.65 4.32
N ASN A 275 25.87 -15.74 3.59
CA ASN A 275 24.58 -16.26 3.16
C ASN A 275 24.03 -17.46 3.98
N ASP A 276 24.60 -17.69 5.17
CA ASP A 276 24.12 -18.75 6.06
C ASP A 276 23.51 -18.04 7.27
N PRO A 277 22.17 -18.04 7.40
CA PRO A 277 21.45 -17.37 8.48
C PRO A 277 21.57 -17.97 9.89
N THR A 278 22.03 -19.22 9.99
CA THR A 278 22.24 -19.88 11.30
C THR A 278 23.51 -19.31 11.97
N LYS A 279 24.47 -18.93 11.14
CA LYS A 279 25.70 -18.26 11.59
C LYS A 279 25.44 -16.76 11.86
N ASN A 280 26.04 -16.23 12.94
CA ASN A 280 25.98 -14.81 13.26
C ASN A 280 27.21 -14.20 12.61
N MET A 281 27.32 -14.24 11.29
CA MET A 281 28.57 -13.87 10.63
C MET A 281 28.47 -12.57 9.82
N LEU A 282 27.34 -11.87 9.90
CA LEU A 282 27.21 -10.57 9.24
C LEU A 282 27.79 -9.47 10.11
N SER A 283 27.88 -8.27 9.55
CA SER A 283 28.37 -7.12 10.29
C SER A 283 27.46 -6.69 11.44
N ASN A 284 26.15 -6.87 11.28
CA ASN A 284 25.09 -6.38 12.18
C ASN A 284 24.98 -4.86 12.24
N LEU A 285 25.49 -4.21 11.18
CA LEU A 285 25.64 -2.77 11.16
C LEU A 285 24.44 -2.03 10.57
N SER A 286 23.49 -2.70 9.93
CA SER A 286 22.40 -2.00 9.25
C SER A 286 21.52 -1.08 10.11
N PRO A 287 21.22 -1.46 11.38
CA PRO A 287 20.41 -0.48 12.15
C PRO A 287 21.18 0.82 12.42
N TYR A 288 22.48 0.71 12.70
CA TYR A 288 23.31 1.90 12.94
C TYR A 288 23.55 2.68 11.63
N LEU A 289 23.74 1.99 10.55
CA LEU A 289 23.93 2.59 9.24
C LEU A 289 22.68 3.35 8.80
N HIS A 290 21.51 2.75 9.01
CA HIS A 290 20.25 3.36 8.60
C HIS A 290 19.98 4.70 9.31
N PHE A 291 20.17 4.72 10.63
CA PHE A 291 19.99 5.95 11.43
C PHE A 291 21.18 6.89 11.31
N GLY A 292 22.23 6.46 10.63
CA GLY A 292 23.44 7.27 10.49
C GLY A 292 24.21 7.40 11.80
N GLN A 293 23.98 6.46 12.71
CA GLN A 293 24.74 6.36 13.98
C GLN A 293 26.20 5.97 13.70
N ILE A 294 26.50 5.43 12.53
CA ILE A 294 27.88 5.19 12.09
C ILE A 294 27.96 5.45 10.55
N SER A 295 29.12 5.95 10.12
CA SER A 295 29.40 6.26 8.71
C SER A 295 29.78 5.01 7.92
N SER A 296 29.24 4.86 6.73
CA SER A 296 29.66 3.75 5.82
C SER A 296 31.12 4.00 5.35
N GLN A 297 31.45 5.27 5.10
CA GLN A 297 32.81 5.64 4.70
C GLN A 297 33.82 5.22 5.79
N ARG A 298 33.46 5.42 7.07
CA ARG A 298 34.25 4.95 8.21
C ARG A 298 34.46 3.43 8.14
N VAL A 299 33.37 2.69 8.03
CA VAL A 299 33.43 1.21 7.93
C VAL A 299 34.32 0.74 6.78
N VAL A 300 34.21 1.38 5.62
CA VAL A 300 35.05 1.03 4.44
C VAL A 300 36.52 1.34 4.74
N LEU A 301 36.82 2.49 5.35
CA LEU A 301 38.21 2.80 5.73
C LEU A 301 38.83 1.74 6.65
N GLU A 302 38.08 1.30 7.63
CA GLU A 302 38.58 0.33 8.60
C GLU A 302 38.77 -1.03 7.95
N VAL A 303 37.81 -1.39 7.10
CA VAL A 303 37.85 -2.72 6.42
C VAL A 303 39.00 -2.81 5.39
N GLU A 304 39.21 -1.72 4.66
CA GLU A 304 40.34 -1.59 3.69
C GLU A 304 41.68 -1.86 4.36
N LYS A 305 41.85 -1.30 5.53
CA LYS A 305 43.12 -1.39 6.29
C LYS A 305 43.31 -2.74 6.98
N ALA A 306 42.20 -3.47 7.25
CA ALA A 306 42.26 -4.70 7.99
C ALA A 306 42.97 -5.75 7.16
N GLU A 307 43.88 -6.50 7.81
CA GLU A 307 44.45 -7.69 7.16
C GLU A 307 43.48 -8.85 7.35
N SER A 308 42.81 -9.24 6.26
CA SER A 308 41.78 -10.26 6.29
C SER A 308 41.80 -11.07 4.97
N ASN A 309 40.98 -12.12 4.92
CA ASN A 309 40.86 -12.93 3.72
C ASN A 309 40.45 -11.99 2.58
N PRO A 310 41.18 -11.97 1.44
CA PRO A 310 40.81 -11.04 0.32
C PRO A 310 39.42 -11.29 -0.25
N GLY A 311 38.98 -12.55 -0.28
CA GLY A 311 37.60 -12.87 -0.72
C GLY A 311 36.56 -12.18 0.17
N SER A 312 36.78 -12.20 1.49
CA SER A 312 35.87 -11.56 2.44
C SER A 312 35.85 -10.04 2.20
N LYS A 313 37.02 -9.47 1.95
CA LYS A 313 37.13 -8.02 1.73
C LYS A 313 36.40 -7.59 0.45
N LYS A 314 36.57 -8.34 -0.63
CA LYS A 314 35.91 -7.96 -1.88
C LYS A 314 34.43 -8.13 -1.69
N ALA A 315 33.96 -9.24 -1.07
CA ALA A 315 32.53 -9.44 -0.83
C ALA A 315 31.90 -8.30 0.02
N PHE A 316 32.55 -7.99 1.15
CA PHE A 316 31.99 -6.99 2.05
C PHE A 316 32.09 -5.59 1.45
N LEU A 317 33.21 -5.24 0.82
CA LEU A 317 33.31 -3.89 0.20
C LEU A 317 32.29 -3.69 -0.91
N ASP A 318 32.05 -4.71 -1.70
CA ASP A 318 30.99 -4.64 -2.76
C ASP A 318 29.65 -4.33 -2.18
N GLU A 319 29.32 -4.96 -1.05
CA GLU A 319 28.01 -4.76 -0.36
C GLU A 319 27.83 -3.35 0.19
N ILE A 320 28.82 -2.85 0.94
CA ILE A 320 28.68 -1.51 1.58
C ILE A 320 28.98 -0.37 0.57
N LEU A 321 29.73 -0.65 -0.51
CA LEU A 321 30.02 0.41 -1.48
C LEU A 321 29.07 0.34 -2.70
N ILE A 322 29.17 -0.71 -3.49
CA ILE A 322 28.34 -0.81 -4.72
C ILE A 322 26.85 -0.87 -4.37
N TRP A 323 26.47 -1.89 -3.63
CA TRP A 323 25.05 -2.19 -3.36
C TRP A 323 24.32 -1.14 -2.52
N LYS A 324 24.96 -0.66 -1.48
CA LYS A 324 24.37 0.42 -0.67
C LYS A 324 24.28 1.71 -1.45
N GLU A 325 25.37 2.11 -2.09
CA GLU A 325 25.39 3.40 -2.82
C GLU A 325 24.62 3.32 -4.16
N ILE A 326 24.45 2.15 -4.76
CA ILE A 326 23.58 2.03 -5.93
C ILE A 326 22.12 2.13 -5.52
N SER A 327 21.78 1.81 -4.29
CA SER A 327 20.39 1.91 -3.78
C SER A 327 19.98 3.39 -3.70
N ASP A 328 20.93 4.23 -3.38
CA ASP A 328 20.72 5.72 -3.43
C ASP A 328 20.59 6.17 -4.88
N ASN A 329 21.40 5.58 -5.80
CA ASN A 329 21.26 5.89 -7.23
C ASN A 329 19.80 5.58 -7.69
N PHE A 330 19.29 4.43 -7.27
CA PHE A 330 17.97 3.99 -7.62
C PHE A 330 16.90 4.97 -7.16
N CYS A 331 16.90 5.33 -5.88
CA CYS A 331 15.88 6.24 -5.35
C CYS A 331 16.04 7.66 -5.90
N TYR A 332 17.30 8.11 -6.06
CA TYR A 332 17.58 9.45 -6.56
C TYR A 332 17.13 9.68 -8.02
N TYR A 333 17.30 8.70 -8.89
CA TYR A 333 16.89 8.86 -10.31
C TYR A 333 15.54 8.22 -10.67
N ASN A 334 14.87 7.58 -9.72
CA ASN A 334 13.53 6.96 -9.93
C ASN A 334 12.58 7.34 -8.76
N PRO A 335 11.85 8.47 -8.88
CA PRO A 335 11.06 8.95 -7.74
C PRO A 335 9.97 7.96 -7.28
N GLY A 336 9.49 7.10 -8.17
CA GLY A 336 8.54 6.03 -7.74
C GLY A 336 9.34 4.77 -7.39
N TYR A 337 10.30 4.91 -6.48
CA TYR A 337 11.19 3.76 -6.08
C TYR A 337 10.48 2.64 -5.31
N ASP A 338 9.34 2.94 -4.70
CA ASP A 338 8.58 1.94 -3.94
C ASP A 338 7.30 1.56 -4.70
N GLY A 339 7.33 1.67 -6.03
CA GLY A 339 6.26 1.17 -6.88
C GLY A 339 6.70 0.35 -8.10
N PHE A 340 5.70 -0.26 -8.71
CA PHE A 340 5.86 -1.16 -9.86
C PHE A 340 6.53 -0.48 -11.07
N GLU A 341 6.25 0.81 -11.23
CA GLU A 341 6.72 1.57 -12.41
C GLU A 341 8.24 1.65 -12.51
N SER A 342 8.91 1.58 -11.35
CA SER A 342 10.36 1.72 -11.27
C SER A 342 11.08 0.43 -11.70
N PHE A 343 10.34 -0.67 -11.88
CA PHE A 343 10.93 -1.92 -12.36
C PHE A 343 11.41 -1.72 -13.81
N PRO A 344 12.41 -2.52 -14.26
CA PRO A 344 12.83 -2.35 -15.66
C PRO A 344 11.77 -2.90 -16.61
N SER A 345 11.77 -2.44 -17.85
CA SER A 345 10.77 -2.82 -18.83
C SER A 345 10.57 -4.33 -18.93
N TRP A 346 11.65 -5.10 -19.01
CA TRP A 346 11.52 -6.54 -19.18
C TRP A 346 10.79 -7.17 -17.98
N ALA A 347 11.05 -6.64 -16.77
CA ALA A 347 10.48 -7.17 -15.54
C ALA A 347 8.99 -6.81 -15.43
N LYS A 348 8.65 -5.55 -15.73
CA LYS A 348 7.25 -5.13 -15.70
C LYS A 348 6.50 -5.93 -16.75
N GLU A 349 7.07 -6.11 -17.93
CA GLU A 349 6.43 -6.85 -19.02
C GLU A 349 6.17 -8.33 -18.60
N SER A 350 7.20 -8.95 -18.01
CA SER A 350 7.11 -10.32 -17.55
C SER A 350 6.09 -10.49 -16.42
N LEU A 351 6.19 -9.67 -15.40
CA LEU A 351 5.26 -9.78 -14.24
C LEU A 351 3.80 -9.51 -14.67
N ASN A 352 3.59 -8.57 -15.60
CA ASN A 352 2.26 -8.26 -16.16
C ASN A 352 1.60 -9.48 -16.81
N ALA A 353 2.36 -10.23 -17.59
CA ALA A 353 1.89 -11.41 -18.31
C ALA A 353 1.42 -12.52 -17.33
N HIS A 354 1.95 -12.51 -16.11
CA HIS A 354 1.64 -13.56 -15.12
C HIS A 354 0.65 -13.16 -13.99
N ARG A 355 0.01 -12.00 -14.17
CA ARG A 355 -0.90 -11.45 -13.15
C ARG A 355 -2.12 -12.35 -12.90
N ASN A 356 -2.56 -13.06 -13.94
CA ASN A 356 -3.72 -13.96 -13.79
C ASN A 356 -3.38 -15.34 -13.23
N ASP A 357 -2.11 -15.73 -13.24
CA ASP A 357 -1.71 -17.05 -12.75
C ASP A 357 -2.23 -17.31 -11.34
N VAL A 358 -2.59 -18.57 -11.07
CA VAL A 358 -3.18 -18.95 -9.77
C VAL A 358 -2.06 -19.16 -8.76
N ARG A 359 -2.07 -18.37 -7.69
CA ARG A 359 -1.05 -18.48 -6.63
C ARG A 359 -1.19 -19.80 -5.87
N SER A 360 -0.07 -20.41 -5.50
CA SER A 360 -0.13 -21.65 -4.73
C SER A 360 -0.79 -21.40 -3.36
N HIS A 361 -0.50 -20.23 -2.76
CA HIS A 361 -1.13 -19.78 -1.55
C HIS A 361 -1.39 -18.27 -1.63
N ILE A 362 -2.33 -17.77 -0.87
CA ILE A 362 -2.53 -16.32 -0.72
C ILE A 362 -2.65 -16.00 0.76
N TYR A 363 -1.74 -15.17 1.29
CA TYR A 363 -1.80 -14.74 2.66
C TYR A 363 -2.13 -13.24 2.75
N THR A 364 -2.86 -12.88 3.81
CA THR A 364 -3.13 -11.48 4.11
C THR A 364 -1.94 -10.87 4.85
N LEU A 365 -1.89 -9.55 4.98
CA LEU A 365 -0.83 -8.91 5.76
C LEU A 365 -0.82 -9.51 7.20
N GLU A 366 -2.01 -9.71 7.73
CA GLU A 366 -2.11 -10.15 9.12
C GLU A 366 -1.56 -11.58 9.33
N GLU A 367 -1.78 -12.43 8.34
CA GLU A 367 -1.29 -13.82 8.41
C GLU A 367 0.22 -13.82 8.24
N PHE A 368 0.72 -13.00 7.26
CA PHE A 368 2.16 -12.83 7.04
C PHE A 368 2.83 -12.30 8.33
N GLU A 369 2.23 -11.26 8.89
CA GLU A 369 2.72 -10.55 10.08
C GLU A 369 2.86 -11.47 11.32
N ALA A 370 1.88 -12.35 11.51
CA ALA A 370 1.86 -13.27 12.65
C ALA A 370 2.69 -14.56 12.36
N GLY A 371 3.31 -14.65 11.20
CA GLY A 371 4.12 -15.85 10.87
C GLY A 371 3.25 -17.10 10.83
N LYS A 372 2.13 -17.02 10.11
CA LYS A 372 1.18 -18.17 10.04
C LYS A 372 1.02 -18.71 8.61
N THR A 373 2.14 -18.76 7.87
CA THR A 373 2.15 -19.43 6.55
C THR A 373 2.38 -20.94 6.70
N HIS A 374 2.18 -21.67 5.61
CA HIS A 374 2.51 -23.12 5.54
C HIS A 374 4.02 -23.42 5.56
N ASP A 375 4.85 -22.45 5.24
CA ASP A 375 6.30 -22.64 5.04
C ASP A 375 6.98 -22.35 6.36
N PRO A 376 7.58 -23.36 7.01
CA PRO A 376 8.18 -23.12 8.34
C PRO A 376 9.42 -22.21 8.26
N LEU A 377 10.15 -22.25 7.15
CA LEU A 377 11.31 -21.37 6.94
C LEU A 377 10.85 -19.92 6.79
N TRP A 378 9.79 -19.67 6.01
CA TRP A 378 9.25 -18.32 5.90
C TRP A 378 8.82 -17.81 7.27
N ASN A 379 8.14 -18.67 8.02
CA ASN A 379 7.58 -18.28 9.36
C ASN A 379 8.69 -17.94 10.34
N ALA A 380 9.76 -18.69 10.33
CA ALA A 380 10.93 -18.46 11.18
C ALA A 380 11.60 -17.16 10.83
N SER A 381 11.64 -16.82 9.54
CA SER A 381 12.25 -15.53 9.09
C SER A 381 11.44 -14.35 9.60
N GLN A 382 10.11 -14.47 9.57
CA GLN A 382 9.20 -13.47 10.13
C GLN A 382 9.37 -13.35 11.65
N MET A 383 9.52 -14.46 12.36
CA MET A 383 9.74 -14.48 13.81
C MET A 383 11.07 -13.85 14.17
N GLU A 384 12.13 -14.07 13.40
CA GLU A 384 13.41 -13.36 13.63
C GLU A 384 13.19 -11.86 13.49
N LEU A 385 12.45 -11.45 12.45
CA LEU A 385 12.05 -10.02 12.30
C LEU A 385 11.24 -9.49 13.50
N LEU A 386 10.20 -10.20 13.93
CA LEU A 386 9.38 -9.76 15.09
C LEU A 386 10.13 -9.67 16.45
N SER A 387 10.96 -10.66 16.74
CA SER A 387 11.61 -10.80 18.02
C SER A 387 12.92 -10.01 18.14
N THR A 388 13.73 -9.92 17.08
CA THR A 388 15.05 -9.21 17.10
C THR A 388 15.10 -7.89 16.34
N GLY A 389 14.19 -7.67 15.38
CA GLY A 389 14.24 -6.40 14.65
C GLY A 389 15.30 -6.37 13.53
N LYS A 390 15.86 -7.53 13.20
CA LYS A 390 16.81 -7.58 12.08
C LYS A 390 16.79 -9.00 11.54
N MET A 391 16.26 -9.15 10.33
CA MET A 391 16.23 -10.45 9.62
C MET A 391 17.56 -10.64 8.85
N HIS A 392 18.08 -11.85 8.85
CA HIS A 392 19.35 -12.13 8.16
C HIS A 392 19.20 -11.77 6.69
N GLY A 393 20.25 -11.20 6.11
CA GLY A 393 20.22 -10.73 4.72
C GLY A 393 19.91 -11.77 3.67
N TYR A 394 20.33 -13.01 3.83
CA TYR A 394 19.95 -14.04 2.87
C TYR A 394 18.49 -14.35 2.91
N THR A 395 17.89 -14.50 4.10
CA THR A 395 16.48 -14.84 4.20
C THR A 395 15.56 -13.68 3.79
N ARG A 396 16.05 -12.45 3.88
CA ARG A 396 15.26 -11.29 3.38
C ARG A 396 14.96 -11.45 1.90
N MET A 397 15.88 -11.95 1.10
CA MET A 397 15.62 -12.23 -0.34
C MET A 397 14.52 -13.25 -0.53
N TYR A 398 14.65 -14.35 0.19
CA TYR A 398 13.68 -15.46 0.13
C TYR A 398 12.34 -14.98 0.68
N TRP A 399 12.36 -14.26 1.82
CA TRP A 399 11.14 -13.74 2.44
C TRP A 399 10.31 -12.83 1.51
N ALA A 400 10.98 -11.89 0.85
CA ALA A 400 10.31 -10.96 -0.09
C ALA A 400 9.82 -11.66 -1.35
N LYS A 401 10.56 -12.63 -1.84
CA LYS A 401 10.20 -13.35 -3.09
C LYS A 401 9.02 -14.28 -2.85
N LYS A 402 8.89 -14.84 -1.65
CA LYS A 402 7.68 -15.62 -1.30
C LYS A 402 6.46 -14.73 -1.09
N ILE A 403 6.63 -13.50 -0.62
CA ILE A 403 5.49 -12.53 -0.56
C ILE A 403 4.93 -12.31 -1.98
N LEU A 404 5.79 -12.17 -2.98
CA LEU A 404 5.39 -12.03 -4.38
C LEU A 404 4.65 -13.27 -4.84
N GLU A 405 5.19 -14.45 -4.54
CA GLU A 405 4.60 -15.73 -4.94
C GLU A 405 3.23 -16.03 -4.32
N TRP A 406 3.00 -15.60 -3.08
CA TRP A 406 1.79 -15.88 -2.30
C TRP A 406 0.95 -14.62 -1.95
N SER A 407 0.97 -13.71 -2.93
CA SER A 407 0.12 -12.49 -2.83
C SER A 407 -0.79 -12.40 -4.03
N GLU A 408 -1.87 -11.63 -3.94
CA GLU A 408 -2.84 -11.49 -5.04
C GLU A 408 -2.26 -10.86 -6.31
N SER A 409 -1.27 -9.97 -6.16
CA SER A 409 -0.76 -9.18 -7.27
C SER A 409 0.64 -8.67 -6.97
N PRO A 410 1.42 -8.22 -7.98
CA PRO A 410 2.75 -7.69 -7.68
C PRO A 410 2.68 -6.44 -6.82
N GLU A 411 1.64 -5.62 -7.02
CA GLU A 411 1.47 -4.41 -6.22
C GLU A 411 1.16 -4.74 -4.76
N LYS A 412 0.31 -5.75 -4.52
CA LYS A 412 0.03 -6.18 -3.15
C LYS A 412 1.31 -6.76 -2.48
N ALA A 413 2.13 -7.51 -3.24
CA ALA A 413 3.38 -8.02 -2.73
C ALA A 413 4.30 -6.89 -2.30
N LEU A 414 4.54 -5.93 -3.17
CA LEU A 414 5.39 -4.76 -2.83
C LEU A 414 4.86 -4.04 -1.57
N GLU A 415 3.55 -3.87 -1.51
CA GLU A 415 2.89 -3.20 -0.38
C GLU A 415 3.08 -3.94 0.93
N ILE A 416 2.91 -5.26 0.91
CA ILE A 416 3.04 -6.07 2.14
C ILE A 416 4.51 -6.13 2.58
N ALA A 417 5.46 -6.34 1.67
CA ALA A 417 6.88 -6.40 2.03
C ALA A 417 7.37 -5.07 2.63
N ILE A 418 7.00 -3.96 2.02
CA ILE A 418 7.36 -2.63 2.55
C ILE A 418 6.69 -2.38 3.89
N CYS A 419 5.42 -2.74 4.06
CA CYS A 419 4.72 -2.56 5.33
C CYS A 419 5.46 -3.30 6.48
N LEU A 420 5.75 -4.57 6.28
CA LEU A 420 6.39 -5.40 7.34
C LEU A 420 7.83 -4.96 7.56
N ASN A 421 8.55 -4.68 6.49
CA ASN A 421 9.97 -4.21 6.57
C ASN A 421 10.07 -2.91 7.36
N ASP A 422 9.28 -1.93 6.99
CA ASP A 422 9.28 -0.62 7.66
C ASP A 422 8.73 -0.67 9.10
N ARG A 423 7.70 -1.47 9.36
CA ARG A 423 7.16 -1.63 10.75
C ARG A 423 8.12 -2.32 11.74
N TYR A 424 8.83 -3.34 11.29
CA TYR A 424 9.52 -4.26 12.19
C TYR A 424 11.07 -4.31 12.10
N GLU A 425 11.67 -3.92 10.98
CA GLU A 425 13.14 -3.85 10.87
C GLU A 425 13.65 -2.52 11.47
N LEU A 426 14.62 -2.64 12.38
CA LEU A 426 15.35 -1.45 12.88
C LEU A 426 16.00 -0.64 11.74
N ASP A 427 16.43 -1.32 10.68
CA ASP A 427 17.07 -0.66 9.49
C ASP A 427 16.10 -0.27 8.36
N GLY A 428 14.80 -0.47 8.58
CA GLY A 428 13.76 -0.12 7.57
C GLY A 428 13.58 1.37 7.30
N ARG A 429 12.71 1.67 6.34
CA ARG A 429 12.45 3.02 5.84
C ARG A 429 13.71 3.63 5.27
N ASP A 430 14.40 2.85 4.43
CA ASP A 430 15.74 3.14 3.95
C ASP A 430 15.82 2.89 2.44
N PRO A 431 16.67 3.65 1.72
CA PRO A 431 16.87 3.38 0.28
C PRO A 431 17.34 1.95 0.01
N ASN A 432 18.12 1.40 0.92
CA ASN A 432 18.54 -0.03 0.79
C ASN A 432 17.30 -0.98 0.78
N GLY A 433 16.30 -0.66 1.57
CA GLY A 433 15.10 -1.46 1.72
C GLY A 433 14.26 -1.43 0.44
N TYR A 434 14.02 -0.26 -0.10
CA TYR A 434 13.27 -0.10 -1.36
C TYR A 434 14.04 -0.70 -2.56
N ALA A 435 15.34 -0.47 -2.65
CA ALA A 435 16.17 -1.13 -3.69
C ALA A 435 16.28 -2.65 -3.50
N GLY A 436 16.34 -3.12 -2.27
CA GLY A 436 16.38 -4.58 -1.99
C GLY A 436 15.10 -5.31 -2.30
N ILE A 437 13.98 -4.72 -1.90
CA ILE A 437 12.66 -5.23 -2.21
C ILE A 437 12.41 -5.17 -3.73
N ALA A 438 12.83 -4.11 -4.41
CA ALA A 438 12.65 -3.98 -5.87
C ALA A 438 13.49 -5.00 -6.63
N TRP A 439 14.70 -5.28 -6.16
CA TRP A 439 15.51 -6.39 -6.73
C TRP A 439 14.77 -7.74 -6.63
N SER A 440 14.22 -8.01 -5.45
CA SER A 440 13.62 -9.31 -5.11
C SER A 440 12.31 -9.55 -5.84
N ILE A 441 11.43 -8.55 -5.81
CA ILE A 441 10.10 -8.63 -6.42
C ILE A 441 10.14 -8.23 -7.91
N GLY A 442 10.86 -7.16 -8.26
CA GLY A 442 10.86 -6.59 -9.61
C GLY A 442 12.11 -6.60 -10.48
N GLY A 443 13.16 -7.30 -10.10
CA GLY A 443 14.34 -7.41 -10.96
C GLY A 443 15.25 -6.19 -11.11
N VAL A 444 15.02 -5.15 -10.32
CA VAL A 444 15.84 -3.94 -10.40
C VAL A 444 17.28 -4.30 -10.03
N HIS A 445 18.22 -3.94 -10.91
CA HIS A 445 19.65 -4.28 -10.81
C HIS A 445 19.92 -5.78 -10.89
N ASP A 446 19.01 -6.50 -11.54
CA ASP A 446 19.15 -7.93 -11.79
C ASP A 446 18.91 -8.18 -13.30
N ARG A 447 19.04 -9.42 -13.74
CA ARG A 447 18.80 -9.79 -15.12
C ARG A 447 17.63 -10.76 -15.16
N ALA A 448 17.11 -11.05 -16.34
CA ALA A 448 16.05 -12.02 -16.52
C ALA A 448 16.57 -13.43 -16.36
N TRP A 449 15.73 -14.26 -15.82
CA TRP A 449 15.99 -15.68 -15.56
C TRP A 449 14.82 -16.48 -16.12
N GLY A 450 14.94 -17.81 -16.05
CA GLY A 450 13.93 -18.69 -16.65
C GLY A 450 12.49 -18.34 -16.23
N GLU A 451 11.55 -18.34 -17.18
CA GLU A 451 10.19 -17.94 -16.94
C GLU A 451 9.49 -19.04 -16.13
N ARG A 452 8.72 -18.57 -15.16
CA ARG A 452 7.93 -19.38 -14.20
C ARG A 452 6.56 -18.75 -14.02
N GLU A 453 5.62 -19.57 -13.54
CA GLU A 453 4.30 -19.06 -13.24
C GLU A 453 4.42 -18.05 -12.10
N VAL A 454 3.54 -17.04 -12.11
CA VAL A 454 3.37 -16.02 -11.04
C VAL A 454 4.52 -14.99 -11.03
N THR A 455 5.74 -15.47 -10.88
CA THR A 455 6.91 -14.58 -10.78
C THR A 455 7.62 -14.28 -12.13
N GLY A 456 7.16 -14.90 -13.22
CA GLY A 456 7.74 -14.68 -14.54
C GLY A 456 9.23 -14.90 -14.65
N LYS A 457 9.94 -13.93 -15.16
CA LYS A 457 11.40 -14.04 -15.35
C LYS A 457 12.19 -13.45 -14.15
N ILE A 458 11.50 -13.06 -13.06
CA ILE A 458 12.19 -12.60 -11.88
C ILE A 458 12.91 -13.81 -11.29
N ARG A 459 14.16 -13.60 -10.86
CA ARG A 459 14.95 -14.63 -10.18
C ARG A 459 14.16 -15.30 -9.06
N TYR A 460 14.22 -16.61 -9.06
CA TYR A 460 13.47 -17.49 -8.14
C TYR A 460 14.38 -18.04 -7.06
N MET A 461 13.84 -18.17 -5.84
CA MET A 461 14.55 -18.81 -4.74
C MET A 461 13.63 -19.81 -4.06
N SER A 462 14.17 -21.00 -3.76
CA SER A 462 13.39 -22.15 -3.28
C SER A 462 13.77 -22.59 -1.88
N TYR A 463 12.80 -23.18 -1.18
CA TYR A 463 13.05 -23.75 0.13
C TYR A 463 14.10 -24.86 -0.02
N GLU A 464 13.95 -25.73 -1.02
CA GLU A 464 14.91 -26.80 -1.27
C GLU A 464 16.27 -26.21 -1.61
N GLY A 465 16.29 -25.09 -2.33
CA GLY A 465 17.57 -24.46 -2.67
C GLY A 465 18.29 -24.05 -1.37
N CYS A 466 17.49 -23.57 -0.42
CA CYS A 466 17.99 -23.11 0.90
C CYS A 466 18.53 -24.30 1.72
N LYS A 467 17.86 -25.45 1.65
CA LYS A 467 18.25 -26.66 2.32
C LYS A 467 19.68 -27.10 1.89
N ARG A 468 19.97 -26.92 0.61
N ARG A 468 19.99 -26.93 0.60
CA ARG A 468 21.27 -27.28 0.04
CA ARG A 468 21.33 -27.34 0.14
C ARG A 468 22.40 -26.43 0.67
C ARG A 468 22.42 -26.43 0.70
N LYS A 469 22.12 -25.15 0.83
CA LYS A 469 23.06 -24.12 1.25
C LYS A 469 23.24 -23.90 2.74
N PHE A 470 22.23 -24.09 3.60
CA PHE A 470 22.47 -24.03 5.03
C PHE A 470 21.53 -24.93 5.85
N ASP A 471 21.75 -25.00 7.15
CA ASP A 471 20.95 -25.88 8.03
C ASP A 471 19.61 -25.20 8.35
N VAL A 472 18.67 -25.37 7.44
CA VAL A 472 17.34 -24.75 7.52
C VAL A 472 16.58 -25.13 8.82
N LYS A 473 16.78 -26.36 9.29
CA LYS A 473 16.07 -26.85 10.45
C LYS A 473 16.57 -26.14 11.71
N LEU A 474 17.86 -25.82 11.76
CA LEU A 474 18.45 -25.09 12.91
C LEU A 474 17.87 -23.68 13.04
N TYR A 475 17.71 -23.00 11.90
CA TYR A 475 17.13 -21.65 11.84
C TYR A 475 15.67 -21.68 12.34
N ILE A 476 14.88 -22.62 11.83
CA ILE A 476 13.49 -22.80 12.22
C ILE A 476 13.35 -23.07 13.72
N GLU A 477 14.21 -23.95 14.24
CA GLU A 477 14.17 -24.27 15.68
C GLU A 477 14.53 -23.05 16.54
N LYS A 478 15.50 -22.25 16.10
CA LYS A 478 15.89 -21.07 16.82
C LYS A 478 14.78 -20.02 16.92
N TYR A 479 13.84 -19.99 15.97
CA TYR A 479 12.76 -19.01 15.94
C TYR A 479 11.40 -19.73 15.99
N SER A 480 11.26 -20.48 17.06
CA SER A 480 10.09 -21.31 17.38
C SER A 480 9.65 -22.10 16.15
N MET B 21 -34.27 -18.37 -19.84
CA MET B 21 -32.91 -18.14 -19.26
C MET B 21 -31.83 -18.15 -20.36
N ASN B 22 -31.36 -16.97 -20.78
CA ASN B 22 -30.35 -16.86 -21.80
C ASN B 22 -29.14 -17.70 -21.36
N PRO B 23 -28.71 -18.62 -22.24
CA PRO B 23 -27.50 -19.47 -21.97
C PRO B 23 -26.19 -18.69 -21.98
N LYS B 24 -26.18 -17.52 -22.64
CA LYS B 24 -24.97 -16.69 -22.67
C LYS B 24 -24.62 -16.11 -21.29
N ARG B 25 -25.58 -16.08 -20.36
CA ARG B 25 -25.32 -15.67 -18.97
C ARG B 25 -24.42 -16.68 -18.22
N ILE B 26 -24.43 -17.95 -18.70
CA ILE B 26 -23.71 -19.03 -18.06
C ILE B 26 -22.41 -19.36 -18.80
N ARG B 27 -21.31 -19.67 -18.09
CA ARG B 27 -20.19 -20.31 -18.71
C ARG B 27 -19.62 -21.31 -17.66
N ALA B 28 -18.98 -22.30 -18.19
CA ALA B 28 -18.51 -23.48 -17.43
C ALA B 28 -17.11 -23.23 -16.91
N LEU B 29 -16.93 -23.36 -15.60
CA LEU B 29 -15.58 -23.25 -15.00
C LEU B 29 -14.71 -24.46 -15.44
N LYS B 30 -15.32 -25.62 -15.32
CA LYS B 30 -14.86 -26.89 -15.77
C LYS B 30 -16.07 -27.79 -16.13
N SER B 31 -15.82 -28.74 -17.08
CA SER B 31 -16.80 -29.74 -17.56
CA SER B 31 -16.82 -29.74 -17.56
C SER B 31 -16.44 -31.06 -16.89
N GLY B 32 -17.23 -32.14 -17.04
CA GLY B 32 -16.97 -33.39 -16.36
C GLY B 32 -18.29 -34.10 -16.05
N LYS B 33 -18.27 -34.98 -15.04
CA LYS B 33 -19.34 -35.91 -14.81
C LYS B 33 -20.26 -35.38 -13.70
N GLN B 34 -21.50 -35.09 -14.09
CA GLN B 34 -22.56 -34.67 -13.15
C GLN B 34 -22.80 -35.77 -12.09
N GLY B 35 -23.05 -35.33 -10.86
CA GLY B 35 -23.23 -36.18 -9.68
C GLY B 35 -24.66 -36.57 -9.31
N ASP B 36 -24.75 -37.56 -8.43
CA ASP B 36 -26.05 -38.03 -7.88
C ASP B 36 -26.73 -37.05 -6.95
N GLY B 37 -25.95 -36.12 -6.38
CA GLY B 37 -26.35 -35.26 -5.32
C GLY B 37 -27.12 -34.01 -5.64
N PRO B 38 -27.45 -33.25 -4.58
CA PRO B 38 -28.15 -31.95 -4.70
C PRO B 38 -27.37 -30.94 -5.47
N VAL B 39 -28.00 -29.97 -6.16
CA VAL B 39 -27.27 -28.92 -6.84
C VAL B 39 -27.00 -27.88 -5.74
N VAL B 40 -25.75 -27.40 -5.67
CA VAL B 40 -25.33 -26.44 -4.64
C VAL B 40 -25.02 -25.08 -5.23
N TYR B 41 -25.72 -24.05 -4.76
CA TYR B 41 -25.44 -22.69 -5.17
C TYR B 41 -24.51 -22.07 -4.11
N TRP B 42 -23.26 -21.89 -4.54
CA TRP B 42 -22.24 -21.17 -3.75
C TRP B 42 -22.55 -19.67 -3.98
N MET B 43 -23.22 -19.10 -2.95
CA MET B 43 -23.56 -17.68 -2.99
C MET B 43 -22.38 -16.86 -2.44
N SER B 44 -22.01 -15.79 -3.14
CA SER B 44 -20.97 -14.86 -2.66
C SER B 44 -21.37 -13.40 -2.92
N ARG B 45 -21.36 -12.99 -4.18
CA ARG B 45 -21.80 -11.63 -4.54
C ARG B 45 -23.29 -11.32 -4.35
N ASP B 46 -24.21 -12.22 -4.69
CA ASP B 46 -25.61 -11.90 -4.83
C ASP B 46 -26.49 -12.55 -3.77
N GLN B 47 -26.55 -11.91 -2.59
CA GLN B 47 -27.19 -12.55 -1.42
C GLN B 47 -28.68 -12.25 -1.28
N ARG B 48 -29.47 -12.68 -2.25
CA ARG B 48 -30.91 -12.46 -2.28
C ARG B 48 -31.68 -13.67 -2.87
N ALA B 49 -32.90 -13.91 -2.43
CA ALA B 49 -33.72 -14.99 -3.01
C ALA B 49 -34.32 -14.61 -4.37
N GLU B 50 -34.62 -13.31 -4.55
CA GLU B 50 -35.32 -12.83 -5.74
C GLU B 50 -34.37 -12.28 -6.82
N ASP B 51 -34.82 -12.35 -8.04
CA ASP B 51 -34.14 -11.68 -9.17
C ASP B 51 -32.65 -12.10 -9.17
N ASN B 52 -32.42 -13.33 -8.78
CA ASN B 52 -31.04 -13.85 -8.75
C ASN B 52 -30.89 -14.86 -9.87
N TRP B 53 -30.20 -14.49 -10.98
CA TRP B 53 -29.98 -15.45 -12.06
CA TRP B 53 -29.96 -15.44 -12.08
C TRP B 53 -29.41 -16.76 -11.53
N ALA B 54 -28.16 -16.72 -11.03
CA ALA B 54 -27.43 -17.85 -10.48
C ALA B 54 -28.27 -18.75 -9.54
N LEU B 55 -29.07 -18.17 -8.65
CA LEU B 55 -29.94 -19.06 -7.81
C LEU B 55 -30.89 -19.74 -8.78
N LEU B 56 -31.38 -19.02 -9.79
CA LEU B 56 -32.41 -19.60 -10.68
C LEU B 56 -31.84 -20.78 -11.51
N PHE B 57 -30.66 -20.56 -12.08
CA PHE B 57 -30.01 -21.59 -12.90
C PHE B 57 -29.73 -22.81 -12.02
N SER B 58 -29.37 -22.55 -10.80
CA SER B 58 -29.09 -23.65 -9.81
C SER B 58 -30.38 -24.43 -9.54
N ARG B 59 -31.51 -23.76 -9.37
CA ARG B 59 -32.80 -24.46 -9.14
C ARG B 59 -33.19 -25.20 -10.43
N ALA B 60 -32.98 -24.57 -11.61
CA ALA B 60 -33.31 -25.19 -12.88
C ALA B 60 -32.49 -26.49 -13.05
N ILE B 61 -31.20 -26.43 -12.69
CA ILE B 61 -30.34 -27.61 -12.84
C ILE B 61 -30.90 -28.72 -11.91
N ALA B 62 -31.38 -28.31 -10.73
CA ALA B 62 -31.96 -29.23 -9.76
C ALA B 62 -33.22 -29.95 -10.30
N LYS B 63 -34.10 -29.18 -10.95
CA LYS B 63 -35.34 -29.78 -11.48
C LYS B 63 -35.05 -30.79 -12.60
N GLU B 64 -34.18 -30.42 -13.49
CA GLU B 64 -33.79 -31.30 -14.59
C GLU B 64 -33.22 -32.61 -14.05
N ALA B 65 -32.53 -32.54 -12.91
CA ALA B 65 -31.85 -33.76 -12.37
C ALA B 65 -32.69 -34.50 -11.30
N ASN B 66 -33.88 -33.94 -11.00
CA ASN B 66 -34.77 -34.55 -9.97
C ASN B 66 -34.12 -34.56 -8.61
N VAL B 67 -33.46 -33.46 -8.27
CA VAL B 67 -32.81 -33.27 -6.95
C VAL B 67 -33.11 -31.90 -6.36
N PRO B 68 -32.98 -31.78 -4.99
CA PRO B 68 -33.17 -30.47 -4.33
C PRO B 68 -32.03 -29.51 -4.58
N VAL B 69 -32.31 -28.19 -4.54
CA VAL B 69 -31.25 -27.19 -4.59
C VAL B 69 -30.98 -26.67 -3.16
N VAL B 70 -29.71 -26.46 -2.87
CA VAL B 70 -29.33 -25.86 -1.57
C VAL B 70 -28.46 -24.64 -1.82
N VAL B 71 -28.55 -23.70 -0.85
CA VAL B 71 -27.59 -22.55 -0.88
C VAL B 71 -26.49 -22.76 0.20
N VAL B 72 -25.23 -22.54 -0.22
CA VAL B 72 -24.09 -22.52 0.68
C VAL B 72 -23.36 -21.15 0.64
N PHE B 73 -23.05 -20.60 1.81
CA PHE B 73 -22.37 -19.33 1.94
C PHE B 73 -21.10 -19.52 2.81
N CYS B 74 -19.99 -18.95 2.36
CA CYS B 74 -18.76 -19.02 3.19
C CYS B 74 -18.48 -17.67 3.90
N LEU B 75 -18.64 -17.65 5.22
CA LEU B 75 -18.40 -16.42 5.96
C LEU B 75 -16.90 -16.46 6.30
N THR B 76 -16.09 -15.74 5.53
CA THR B 76 -14.63 -15.87 5.66
C THR B 76 -14.15 -15.23 6.98
N ASP B 77 -12.99 -15.67 7.43
CA ASP B 77 -12.32 -15.11 8.61
C ASP B 77 -12.01 -13.64 8.39
N GLU B 78 -11.75 -13.25 7.13
CA GLU B 78 -11.35 -11.88 6.79
C GLU B 78 -12.51 -10.89 7.01
N PHE B 79 -13.75 -11.39 7.02
CA PHE B 79 -14.95 -10.51 7.18
C PHE B 79 -14.97 -9.79 8.54
N LEU B 80 -14.71 -10.50 9.66
CA LEU B 80 -14.69 -9.84 10.96
C LEU B 80 -13.64 -8.71 10.99
N GLU B 81 -12.50 -8.92 10.33
CA GLU B 81 -11.42 -7.96 10.27
C GLU B 81 -11.77 -6.62 9.60
N ALA B 82 -12.67 -6.62 8.62
CA ALA B 82 -12.98 -5.43 7.83
C ALA B 82 -13.99 -4.47 8.47
N GLY B 83 -14.52 -4.72 9.68
CA GLY B 83 -15.45 -3.76 10.27
C GLY B 83 -16.89 -4.26 10.44
N ILE B 84 -17.41 -3.98 11.62
CA ILE B 84 -18.70 -4.43 12.11
C ILE B 84 -19.86 -3.84 11.35
N ARG B 85 -19.72 -2.65 10.79
CA ARG B 85 -20.85 -2.04 10.03
C ARG B 85 -21.28 -2.93 8.83
N GLN B 86 -20.30 -3.35 8.03
CA GLN B 86 -20.57 -4.24 6.90
C GLN B 86 -21.03 -5.64 7.38
N TYR B 87 -20.35 -6.15 8.41
CA TYR B 87 -20.65 -7.46 9.01
C TYR B 87 -22.09 -7.49 9.54
N GLU B 88 -22.49 -6.47 10.29
CA GLU B 88 -23.88 -6.44 10.81
C GLU B 88 -24.89 -6.37 9.64
N PHE B 89 -24.59 -5.54 8.66
CA PHE B 89 -25.49 -5.35 7.51
C PHE B 89 -25.58 -6.67 6.77
N MET B 90 -24.46 -7.30 6.48
CA MET B 90 -24.47 -8.59 5.76
C MET B 90 -25.18 -9.66 6.54
N LEU B 91 -24.78 -9.81 7.80
CA LEU B 91 -25.24 -10.97 8.63
C LEU B 91 -26.71 -10.77 8.99
N LYS B 92 -27.10 -9.51 9.24
CA LYS B 92 -28.54 -9.23 9.49
C LYS B 92 -29.36 -9.56 8.23
N GLY B 93 -28.79 -9.25 7.06
CA GLY B 93 -29.40 -9.61 5.80
C GLY B 93 -29.56 -11.11 5.65
N LEU B 94 -28.47 -11.81 5.97
CA LEU B 94 -28.46 -13.31 5.86
C LEU B 94 -29.49 -14.00 6.78
N GLN B 95 -29.77 -13.43 7.95
CA GLN B 95 -30.77 -14.01 8.86
C GLN B 95 -32.14 -13.92 8.23
N GLU B 96 -32.45 -12.79 7.61
CA GLU B 96 -33.69 -12.59 6.86
C GLU B 96 -33.72 -13.55 5.68
N LEU B 97 -32.60 -13.76 4.99
CA LEU B 97 -32.52 -14.63 3.83
C LEU B 97 -32.79 -16.12 4.19
N GLU B 98 -32.30 -16.56 5.34
CA GLU B 98 -32.52 -17.92 5.80
C GLU B 98 -34.01 -18.20 5.91
N VAL B 99 -34.73 -17.26 6.51
CA VAL B 99 -36.19 -17.31 6.68
C VAL B 99 -36.85 -17.25 5.29
N SER B 100 -36.38 -16.35 4.41
CA SER B 100 -36.94 -16.27 3.04
C SER B 100 -36.76 -17.59 2.30
N LEU B 101 -35.51 -18.10 2.34
CA LEU B 101 -35.21 -19.36 1.65
C LEU B 101 -36.01 -20.52 2.30
N SER B 102 -36.14 -20.54 3.65
CA SER B 102 -36.89 -21.57 4.34
C SER B 102 -38.38 -21.63 3.91
N ARG B 103 -38.97 -20.49 3.61
CA ARG B 103 -40.37 -20.54 3.11
C ARG B 103 -40.47 -21.28 1.82
N LYS B 104 -39.40 -21.26 1.04
CA LYS B 104 -39.34 -21.97 -0.28
C LYS B 104 -38.77 -23.38 -0.09
N LYS B 105 -38.67 -23.83 1.17
CA LYS B 105 -38.15 -25.16 1.51
C LYS B 105 -36.70 -25.30 1.11
N ILE B 106 -35.96 -24.21 0.92
CA ILE B 106 -34.57 -24.26 0.48
C ILE B 106 -33.75 -24.14 1.80
N PRO B 107 -32.82 -25.12 2.01
CA PRO B 107 -31.90 -25.00 3.13
C PRO B 107 -30.68 -24.15 2.72
N SER B 108 -30.21 -23.33 3.65
CA SER B 108 -28.95 -22.61 3.51
C SER B 108 -28.01 -23.09 4.61
N PHE B 109 -26.75 -23.32 4.20
CA PHE B 109 -25.73 -23.73 5.15
C PHE B 109 -24.70 -22.61 5.19
N PHE B 110 -24.36 -22.11 6.39
CA PHE B 110 -23.31 -21.13 6.57
C PHE B 110 -22.07 -21.88 6.97
N LEU B 111 -20.98 -21.78 6.20
CA LEU B 111 -19.72 -22.43 6.57
C LEU B 111 -18.75 -21.34 7.02
N ARG B 112 -17.79 -21.69 7.90
CA ARG B 112 -16.76 -20.74 8.33
C ARG B 112 -15.38 -21.21 7.83
N GLY B 113 -14.60 -20.32 7.24
CA GLY B 113 -13.27 -20.63 6.74
C GLY B 113 -12.98 -20.12 5.33
N ASP B 114 -11.89 -20.67 4.76
CA ASP B 114 -11.43 -20.34 3.40
C ASP B 114 -12.34 -21.01 2.39
N PRO B 115 -12.97 -20.21 1.50
CA PRO B 115 -13.82 -20.76 0.43
C PRO B 115 -13.18 -21.87 -0.41
N GLY B 116 -11.91 -21.72 -0.82
CA GLY B 116 -11.28 -22.75 -1.63
C GLY B 116 -11.27 -24.14 -0.97
N GLU B 117 -10.97 -24.16 0.31
CA GLU B 117 -10.95 -25.44 1.08
C GLU B 117 -12.36 -25.83 1.50
N LYS B 118 -13.16 -24.88 2.05
CA LYS B 118 -14.46 -25.18 2.62
C LYS B 118 -15.57 -25.54 1.59
N ILE B 119 -15.58 -24.92 0.45
CA ILE B 119 -16.63 -25.24 -0.58
C ILE B 119 -16.40 -26.69 -1.03
N SER B 120 -15.15 -27.01 -1.35
CA SER B 120 -14.76 -28.39 -1.76
C SER B 120 -15.16 -29.46 -0.75
N ARG B 121 -14.93 -29.24 0.53
CA ARG B 121 -15.28 -30.21 1.52
C ARG B 121 -16.81 -30.39 1.61
N PHE B 122 -17.54 -29.31 1.53
CA PHE B 122 -19.02 -29.36 1.59
C PHE B 122 -19.54 -30.18 0.41
N VAL B 123 -18.97 -30.02 -0.75
CA VAL B 123 -19.39 -30.81 -1.95
C VAL B 123 -19.24 -32.28 -1.63
N LYS B 124 -18.11 -32.72 -1.04
CA LYS B 124 -17.97 -34.15 -0.69
C LYS B 124 -18.92 -34.55 0.43
N ASP B 125 -19.00 -33.77 1.48
CA ASP B 125 -19.86 -34.15 2.65
C ASP B 125 -21.33 -34.18 2.28
N TYR B 126 -21.79 -33.26 1.42
CA TYR B 126 -23.19 -33.17 1.05
C TYR B 126 -23.49 -33.93 -0.26
N ASN B 127 -22.46 -34.58 -0.81
CA ASN B 127 -22.60 -35.27 -2.09
C ASN B 127 -23.31 -34.46 -3.23
N ALA B 128 -22.79 -33.26 -3.45
CA ALA B 128 -23.27 -32.36 -4.47
C ALA B 128 -23.15 -32.98 -5.85
N GLY B 129 -24.10 -32.76 -6.74
CA GLY B 129 -23.94 -33.22 -8.12
C GLY B 129 -23.44 -32.18 -9.07
N THR B 130 -23.82 -30.93 -8.83
CA THR B 130 -23.37 -29.75 -9.62
C THR B 130 -23.16 -28.54 -8.69
N LEU B 131 -22.09 -27.78 -8.94
CA LEU B 131 -21.81 -26.55 -8.21
C LEU B 131 -22.03 -25.32 -9.11
N VAL B 132 -22.74 -24.32 -8.57
CA VAL B 132 -23.00 -23.07 -9.27
C VAL B 132 -22.57 -21.86 -8.42
N THR B 133 -21.83 -20.91 -9.02
CA THR B 133 -21.52 -19.68 -8.31
C THR B 133 -21.89 -18.44 -9.15
N ASP B 134 -21.95 -17.29 -8.50
CA ASP B 134 -22.20 -16.01 -9.16
C ASP B 134 -20.86 -15.44 -9.68
N PHE B 135 -20.88 -14.26 -10.29
CA PHE B 135 -19.68 -13.72 -10.94
C PHE B 135 -19.15 -12.47 -10.24
N SER B 136 -17.86 -12.48 -9.92
CA SER B 136 -17.10 -11.28 -9.55
C SER B 136 -15.86 -11.19 -10.48
N PRO B 137 -15.53 -9.97 -10.95
CA PRO B 137 -14.28 -9.77 -11.69
C PRO B 137 -13.10 -9.54 -10.73
N LEU B 138 -13.34 -9.57 -9.42
CA LEU B 138 -12.29 -9.32 -8.43
C LEU B 138 -11.35 -10.51 -8.34
N ARG B 139 -10.06 -10.23 -8.09
CA ARG B 139 -9.00 -11.26 -8.05
C ARG B 139 -9.27 -12.45 -7.12
N ILE B 140 -9.78 -12.16 -5.95
CA ILE B 140 -9.95 -13.17 -4.93
C ILE B 140 -10.97 -14.24 -5.33
N LYS B 141 -12.05 -13.87 -6.03
CA LYS B 141 -13.06 -14.89 -6.35
C LYS B 141 -12.46 -15.83 -7.36
N ASN B 142 -11.73 -15.25 -8.34
CA ASN B 142 -11.05 -16.01 -9.38
C ASN B 142 -10.04 -16.98 -8.74
N GLN B 143 -9.29 -16.53 -7.77
CA GLN B 143 -8.40 -17.40 -7.04
C GLN B 143 -9.16 -18.59 -6.43
N TRP B 144 -10.28 -18.28 -5.74
CA TRP B 144 -11.08 -19.32 -5.10
C TRP B 144 -11.59 -20.36 -6.13
N ILE B 145 -12.03 -19.94 -7.30
CA ILE B 145 -12.48 -20.78 -8.37
C ILE B 145 -11.47 -21.87 -8.77
N GLU B 146 -10.23 -21.45 -8.92
CA GLU B 146 -9.13 -22.40 -9.27
C GLU B 146 -8.92 -23.42 -8.14
N LYS B 147 -9.01 -22.99 -6.90
CA LYS B 147 -8.81 -23.89 -5.76
C LYS B 147 -9.93 -24.91 -5.76
N VAL B 148 -11.15 -24.44 -5.95
CA VAL B 148 -12.37 -25.31 -5.97
C VAL B 148 -12.31 -26.19 -7.21
N ILE B 149 -11.86 -25.67 -8.36
CA ILE B 149 -11.80 -26.50 -9.59
C ILE B 149 -10.92 -27.74 -9.39
N SER B 150 -9.79 -27.48 -8.73
CA SER B 150 -8.77 -28.50 -8.50
C SER B 150 -9.19 -29.47 -7.39
N GLY B 151 -10.20 -29.12 -6.62
CA GLY B 151 -10.67 -29.98 -5.52
C GLY B 151 -11.97 -30.75 -5.70
N ILE B 152 -12.61 -30.61 -6.84
CA ILE B 152 -13.92 -31.27 -7.07
C ILE B 152 -14.02 -31.99 -8.39
N SER B 153 -14.77 -33.10 -8.39
CA SER B 153 -14.89 -33.94 -9.60
C SER B 153 -16.10 -33.52 -10.46
N ILE B 154 -17.13 -32.95 -9.84
CA ILE B 154 -18.36 -32.56 -10.49
C ILE B 154 -18.18 -31.33 -11.38
N PRO B 155 -19.17 -31.04 -12.24
CA PRO B 155 -19.15 -29.81 -13.03
C PRO B 155 -19.40 -28.59 -12.15
N PHE B 156 -18.79 -27.48 -12.54
CA PHE B 156 -18.79 -26.24 -11.80
C PHE B 156 -19.19 -25.08 -12.76
N PHE B 157 -20.31 -24.40 -12.47
CA PHE B 157 -20.78 -23.29 -13.28
C PHE B 157 -20.71 -21.86 -12.66
N GLU B 158 -20.43 -20.89 -13.58
CA GLU B 158 -20.33 -19.49 -13.18
C GLU B 158 -21.51 -18.78 -13.84
N VAL B 159 -22.30 -18.03 -13.04
CA VAL B 159 -23.44 -17.29 -13.60
C VAL B 159 -23.33 -15.79 -13.29
N ASP B 160 -23.36 -14.94 -14.33
CA ASP B 160 -23.45 -13.49 -14.14
C ASP B 160 -24.86 -13.08 -13.66
N ALA B 161 -25.00 -12.88 -12.35
CA ALA B 161 -26.23 -12.46 -11.71
C ALA B 161 -26.24 -10.98 -11.35
N HIS B 162 -25.13 -10.29 -11.58
CA HIS B 162 -24.97 -8.88 -11.11
C HIS B 162 -25.12 -7.86 -12.23
N ASN B 163 -24.62 -8.21 -13.40
CA ASN B 163 -24.67 -7.30 -14.58
C ASN B 163 -25.83 -7.65 -15.51
N VAL B 164 -26.52 -6.65 -16.07
CA VAL B 164 -27.65 -6.90 -16.97
C VAL B 164 -27.17 -7.72 -18.17
N VAL B 165 -26.10 -7.23 -18.79
CA VAL B 165 -25.39 -7.95 -19.88
C VAL B 165 -24.18 -8.63 -19.22
N PRO B 166 -24.03 -9.95 -19.42
CA PRO B 166 -22.85 -10.64 -18.85
C PRO B 166 -21.55 -9.95 -19.21
N CYS B 167 -20.61 -9.83 -18.27
CA CYS B 167 -19.40 -9.03 -18.46
C CYS B 167 -18.56 -9.46 -19.69
N TRP B 168 -18.35 -10.76 -19.79
CA TRP B 168 -17.56 -11.29 -20.91
C TRP B 168 -18.26 -11.04 -22.27
N GLU B 169 -19.61 -11.05 -22.24
CA GLU B 169 -20.39 -10.80 -23.49
C GLU B 169 -20.41 -9.33 -23.94
N ALA B 170 -20.57 -8.39 -23.01
CA ALA B 170 -20.69 -6.98 -23.35
C ALA B 170 -19.52 -6.46 -24.19
N SER B 171 -18.31 -6.87 -23.81
CA SER B 171 -17.10 -6.59 -24.61
C SER B 171 -16.07 -7.70 -24.37
N GLN B 172 -15.23 -7.92 -25.38
CA GLN B 172 -14.19 -8.93 -25.33
C GLN B 172 -12.82 -8.31 -25.02
N LYS B 173 -12.80 -7.01 -24.68
CA LYS B 173 -11.58 -6.31 -24.35
C LYS B 173 -11.81 -5.15 -23.36
N HIS B 174 -10.68 -4.65 -22.82
CA HIS B 174 -10.68 -3.40 -22.08
C HIS B 174 -11.20 -2.24 -22.96
N GLU B 175 -12.19 -1.55 -22.45
CA GLU B 175 -12.76 -0.37 -23.18
C GLU B 175 -12.09 0.93 -22.78
N TYR B 176 -11.60 1.72 -23.75
CA TYR B 176 -10.82 2.93 -23.42
C TYR B 176 -11.65 4.00 -22.69
N ALA B 177 -12.90 4.19 -23.12
CA ALA B 177 -13.79 5.18 -22.53
C ALA B 177 -15.25 4.68 -22.57
N ALA B 178 -16.13 5.40 -21.91
CA ALA B 178 -17.54 5.04 -21.89
C ALA B 178 -18.08 5.07 -23.33
N HIS B 179 -17.55 5.97 -24.12
CA HIS B 179 -18.05 6.17 -25.51
C HIS B 179 -17.89 4.86 -26.35
N THR B 180 -16.70 4.27 -26.26
CA THR B 180 -16.53 2.99 -27.01
C THR B 180 -17.47 1.93 -26.42
N PHE B 181 -17.69 1.96 -25.13
CA PHE B 181 -18.49 0.94 -24.43
C PHE B 181 -20.00 1.10 -24.65
N ARG B 182 -20.49 2.32 -24.79
CA ARG B 182 -21.93 2.56 -24.89
C ARG B 182 -22.55 1.86 -26.11
N PRO B 183 -21.96 2.01 -27.32
CA PRO B 183 -22.52 1.25 -28.45
C PRO B 183 -22.61 -0.26 -28.17
N LYS B 184 -21.52 -0.86 -27.70
CA LYS B 184 -21.49 -2.31 -27.53
C LYS B 184 -22.51 -2.71 -26.43
N LEU B 185 -22.48 -1.97 -25.30
CA LEU B 185 -23.40 -2.31 -24.17
C LEU B 185 -24.86 -2.08 -24.58
N TYR B 186 -25.17 -0.91 -25.19
CA TYR B 186 -26.59 -0.60 -25.45
C TYR B 186 -27.16 -1.55 -26.54
N ALA B 187 -26.32 -1.96 -27.49
CA ALA B 187 -26.73 -2.88 -28.54
C ALA B 187 -27.25 -4.22 -27.98
N LEU B 188 -26.63 -4.69 -26.92
CA LEU B 188 -27.03 -6.01 -26.31
C LEU B 188 -28.18 -5.84 -25.29
N LEU B 189 -28.64 -4.61 -25.07
CA LEU B 189 -29.63 -4.36 -23.98
C LEU B 189 -30.97 -4.96 -24.32
N PRO B 190 -31.44 -4.80 -25.59
CA PRO B 190 -32.70 -5.45 -25.95
C PRO B 190 -32.69 -6.95 -25.71
N GLU B 191 -31.57 -7.64 -25.98
CA GLU B 191 -31.45 -9.07 -25.70
C GLU B 191 -31.47 -9.34 -24.18
N PHE B 192 -30.66 -8.63 -23.43
CA PHE B 192 -30.36 -9.01 -22.01
C PHE B 192 -31.21 -8.27 -20.96
N LEU B 193 -31.80 -7.13 -21.35
CA LEU B 193 -32.70 -6.43 -20.41
C LEU B 193 -34.07 -7.11 -20.49
N GLU B 194 -34.35 -7.99 -19.52
CA GLU B 194 -35.57 -8.79 -19.52
C GLU B 194 -36.05 -8.99 -18.08
N GLU B 195 -37.27 -9.51 -17.89
CA GLU B 195 -37.83 -9.79 -16.58
C GLU B 195 -37.35 -11.16 -16.07
N PHE B 196 -37.66 -11.43 -14.81
CA PHE B 196 -37.17 -12.62 -14.10
C PHE B 196 -38.23 -13.70 -13.91
N PRO B 197 -37.87 -14.98 -14.11
CA PRO B 197 -38.74 -16.09 -13.65
C PRO B 197 -38.89 -16.11 -12.13
N GLU B 198 -40.04 -16.55 -11.61
CA GLU B 198 -40.20 -16.76 -10.17
C GLU B 198 -39.34 -17.95 -9.73
N LEU B 199 -38.83 -17.91 -8.50
CA LEU B 199 -38.08 -19.03 -7.95
C LEU B 199 -39.02 -20.07 -7.38
N GLU B 200 -38.92 -21.26 -7.93
CA GLU B 200 -39.65 -22.45 -7.49
C GLU B 200 -39.11 -22.95 -6.18
N PRO B 201 -39.99 -23.27 -5.22
CA PRO B 201 -39.59 -23.94 -3.97
C PRO B 201 -39.14 -25.38 -4.17
N ASN B 202 -38.59 -26.02 -3.13
CA ASN B 202 -38.08 -27.42 -3.24
C ASN B 202 -39.18 -28.48 -2.99
N SER B 203 -39.49 -29.26 -4.03
CA SER B 203 -40.48 -30.33 -3.89
C SER B 203 -39.90 -31.50 -3.04
N VAL B 204 -38.58 -31.72 -3.18
CA VAL B 204 -37.86 -32.78 -2.54
C VAL B 204 -37.21 -32.32 -1.21
N THR B 205 -37.66 -32.92 -0.09
CA THR B 205 -37.15 -32.61 1.28
C THR B 205 -35.60 -32.83 1.41
N PRO B 206 -34.87 -31.87 2.03
CA PRO B 206 -33.39 -32.02 2.18
C PRO B 206 -32.94 -33.18 3.10
N GLU B 207 -31.64 -33.49 3.09
CA GLU B 207 -31.07 -34.54 3.94
C GLU B 207 -30.92 -35.86 3.20
N LYS B 239 -14.41 -0.25 17.23
CA LYS B 239 -13.86 0.13 15.93
C LYS B 239 -14.89 0.84 15.03
N ASP B 240 -16.07 1.22 15.60
CA ASP B 240 -17.16 1.84 14.85
C ASP B 240 -17.95 2.76 15.79
N PRO B 241 -17.25 3.58 16.61
CA PRO B 241 -18.02 4.34 17.61
C PRO B 241 -19.07 5.37 17.07
N LEU B 242 -18.82 5.91 15.88
CA LEU B 242 -19.67 6.95 15.32
C LEU B 242 -20.79 6.41 14.46
N PHE B 243 -20.81 5.11 14.13
CA PHE B 243 -21.70 4.54 13.15
C PHE B 243 -23.17 4.64 13.53
N GLU B 244 -23.99 5.12 12.60
CA GLU B 244 -25.44 5.20 12.79
C GLU B 244 -26.07 4.14 11.87
N PRO B 245 -26.56 3.04 12.50
CA PRO B 245 -27.11 1.91 11.72
C PRO B 245 -28.51 2.13 11.09
N TRP B 246 -29.25 3.13 11.57
CA TRP B 246 -30.60 3.39 11.08
C TRP B 246 -30.74 4.05 9.70
N HIS B 247 -29.67 4.61 9.13
CA HIS B 247 -29.83 5.27 7.81
C HIS B 247 -30.21 4.23 6.75
N PHE B 248 -29.63 3.02 6.85
CA PHE B 248 -30.01 1.89 5.99
C PHE B 248 -30.29 0.70 6.88
N GLU B 249 -31.57 0.28 6.91
CA GLU B 249 -31.96 -1.01 7.52
C GLU B 249 -31.58 -2.15 6.55
N PRO B 250 -30.88 -3.20 7.04
CA PRO B 250 -30.42 -4.27 6.11
C PRO B 250 -31.53 -5.24 5.68
N GLY B 251 -31.28 -5.94 4.58
CA GLY B 251 -32.18 -7.00 4.14
C GLY B 251 -32.92 -6.79 2.82
N GLU B 252 -33.51 -7.88 2.34
CA GLU B 252 -34.21 -7.90 1.04
C GLU B 252 -35.42 -7.00 1.06
N LYS B 253 -36.22 -7.09 2.12
CA LYS B 253 -37.48 -6.32 2.19
C LYS B 253 -37.16 -4.81 2.27
N ALA B 254 -36.20 -4.47 3.15
CA ALA B 254 -35.77 -3.08 3.31
C ALA B 254 -35.15 -2.57 2.02
N ALA B 255 -34.37 -3.41 1.30
CA ALA B 255 -33.81 -3.03 0.02
C ALA B 255 -34.93 -2.63 -0.96
N LYS B 256 -36.05 -3.35 -0.89
CA LYS B 256 -37.18 -3.08 -1.79
C LYS B 256 -37.86 -1.75 -1.41
N LYS B 257 -38.03 -1.48 -0.11
CA LYS B 257 -38.65 -0.23 0.35
C LYS B 257 -37.84 0.96 -0.19
N VAL B 258 -36.52 0.88 -0.15
CA VAL B 258 -35.65 1.97 -0.64
C VAL B 258 -35.76 2.21 -2.16
N MET B 259 -35.87 1.14 -2.96
CA MET B 259 -36.10 1.25 -4.39
C MET B 259 -37.43 1.97 -4.65
N GLU B 260 -38.42 1.62 -3.84
CA GLU B 260 -39.78 2.22 -4.01
C GLU B 260 -39.76 3.71 -3.71
N SER B 261 -39.10 4.08 -2.59
CA SER B 261 -39.00 5.51 -2.23
C SER B 261 -38.24 6.34 -3.31
N PHE B 262 -37.20 5.74 -3.90
CA PHE B 262 -36.39 6.40 -4.90
C PHE B 262 -37.26 6.79 -6.10
N ILE B 263 -38.03 5.87 -6.61
CA ILE B 263 -38.93 6.11 -7.73
C ILE B 263 -40.01 7.12 -7.38
N ALA B 264 -40.64 6.91 -6.24
CA ALA B 264 -41.72 7.80 -5.72
C ALA B 264 -41.20 9.19 -5.33
N ASP B 265 -40.08 9.25 -4.61
CA ASP B 265 -39.62 10.49 -3.99
C ASP B 265 -38.36 11.12 -4.59
N ARG B 266 -37.41 10.38 -5.11
CA ARG B 266 -36.14 10.99 -5.55
C ARG B 266 -35.84 11.03 -7.04
N LEU B 267 -36.35 10.08 -7.85
CA LEU B 267 -35.97 10.01 -9.29
C LEU B 267 -36.31 11.23 -10.12
N ASP B 268 -37.43 11.89 -9.88
CA ASP B 268 -37.81 13.09 -10.66
C ASP B 268 -36.72 14.18 -10.63
N SER B 269 -36.20 14.43 -9.45
CA SER B 269 -35.20 15.49 -9.22
C SER B 269 -33.75 15.05 -9.54
N TYR B 270 -33.59 13.75 -9.78
CA TYR B 270 -32.26 13.13 -9.95
C TYR B 270 -31.46 13.77 -11.11
N GLY B 271 -32.06 13.94 -12.27
CA GLY B 271 -31.31 14.58 -13.37
C GLY B 271 -30.76 15.95 -12.93
N ALA B 272 -31.60 16.68 -12.22
CA ALA B 272 -31.28 18.00 -11.69
C ALA B 272 -30.44 18.03 -10.43
N LEU B 273 -30.67 17.14 -9.46
CA LEU B 273 -29.95 17.27 -8.17
C LEU B 273 -29.00 16.12 -7.77
N ARG B 274 -28.64 15.27 -8.73
CA ARG B 274 -27.76 14.11 -8.38
C ARG B 274 -26.37 14.58 -7.90
N ASN B 275 -25.94 15.74 -8.37
CA ASN B 275 -24.59 16.20 -7.98
C ASN B 275 -24.58 17.17 -6.80
N ASP B 276 -25.71 17.29 -6.12
CA ASP B 276 -25.83 18.19 -4.96
C ASP B 276 -25.88 17.33 -3.70
N PRO B 277 -24.74 17.28 -2.98
CA PRO B 277 -24.65 16.43 -1.76
C PRO B 277 -25.61 16.77 -0.62
N THR B 278 -26.10 18.01 -0.61
CA THR B 278 -27.02 18.47 0.48
C THR B 278 -28.43 17.84 0.28
N LYS B 279 -28.80 17.69 -1.00
CA LYS B 279 -30.08 17.04 -1.31
C LYS B 279 -29.92 15.51 -1.16
N ASN B 280 -30.80 14.90 -0.40
CA ASN B 280 -30.85 13.45 -0.28
C ASN B 280 -31.61 12.98 -1.55
N MET B 281 -31.04 13.24 -2.72
CA MET B 281 -31.74 12.97 -3.97
C MET B 281 -31.22 11.73 -4.70
N LEU B 282 -30.30 10.99 -4.08
CA LEU B 282 -29.77 9.78 -4.71
C LEU B 282 -30.65 8.57 -4.40
N SER B 283 -30.38 7.47 -5.08
CA SER B 283 -31.15 6.24 -4.89
C SER B 283 -30.97 5.60 -3.52
N ASN B 284 -29.77 5.69 -2.95
CA ASN B 284 -29.43 5.04 -1.68
C ASN B 284 -29.39 3.51 -1.78
N LEU B 285 -29.21 3.00 -3.01
CA LEU B 285 -29.27 1.58 -3.32
C LEU B 285 -27.90 0.90 -3.31
N SER B 286 -26.80 1.67 -3.25
CA SER B 286 -25.47 1.09 -3.35
C SER B 286 -25.11 0.08 -2.27
N PRO B 287 -25.54 0.27 -0.99
CA PRO B 287 -25.19 -0.81 -0.04
C PRO B 287 -25.91 -2.10 -0.40
N TYR B 288 -27.18 -1.97 -0.84
CA TYR B 288 -27.96 -3.16 -1.20
C TYR B 288 -27.46 -3.74 -2.53
N LEU B 289 -27.11 -2.86 -3.49
CA LEU B 289 -26.57 -3.31 -4.73
C LEU B 289 -25.23 -4.08 -4.55
N HIS B 290 -24.36 -3.59 -3.69
CA HIS B 290 -23.05 -4.23 -3.46
C HIS B 290 -23.13 -5.64 -2.91
N PHE B 291 -23.89 -5.81 -1.82
CA PHE B 291 -24.14 -7.13 -1.21
C PHE B 291 -25.11 -7.99 -2.03
N GLY B 292 -25.67 -7.45 -3.11
CA GLY B 292 -26.60 -8.19 -3.94
C GLY B 292 -27.90 -8.47 -3.24
N GLN B 293 -28.25 -7.61 -2.28
CA GLN B 293 -29.54 -7.78 -1.57
C GLN B 293 -30.70 -7.34 -2.50
N ILE B 294 -30.38 -6.61 -3.54
CA ILE B 294 -31.30 -6.30 -4.63
C ILE B 294 -30.54 -6.32 -5.98
N SER B 295 -31.23 -6.74 -7.04
CA SER B 295 -30.68 -6.88 -8.40
C SER B 295 -30.62 -5.53 -9.10
N SER B 296 -29.53 -5.26 -9.80
CA SER B 296 -29.41 -4.04 -10.61
C SER B 296 -30.39 -4.14 -11.81
N GLN B 297 -30.56 -5.34 -12.33
CA GLN B 297 -31.56 -5.59 -13.41
C GLN B 297 -33.00 -5.24 -12.95
N ARG B 298 -33.32 -5.64 -11.75
CA ARG B 298 -34.61 -5.37 -11.10
C ARG B 298 -34.79 -3.86 -11.02
N VAL B 299 -33.78 -3.17 -10.55
CA VAL B 299 -33.86 -1.67 -10.40
C VAL B 299 -34.04 -0.99 -11.77
N VAL B 300 -33.33 -1.45 -12.81
CA VAL B 300 -33.41 -0.84 -14.13
C VAL B 300 -34.83 -1.07 -14.68
N LEU B 301 -35.38 -2.25 -14.44
CA LEU B 301 -36.76 -2.56 -14.97
C LEU B 301 -37.78 -1.58 -14.36
N GLU B 302 -37.70 -1.38 -13.08
CA GLU B 302 -38.67 -0.53 -12.34
C GLU B 302 -38.50 0.93 -12.79
N VAL B 303 -37.27 1.33 -12.98
CA VAL B 303 -36.99 2.72 -13.44
C VAL B 303 -37.49 2.90 -14.88
N GLU B 304 -37.34 1.88 -15.74
CA GLU B 304 -37.72 2.01 -17.17
C GLU B 304 -39.24 2.25 -17.26
N LYS B 305 -39.97 1.42 -16.50
CA LYS B 305 -41.47 1.44 -16.58
C LYS B 305 -42.11 2.70 -16.00
N ALA B 306 -41.56 3.21 -14.92
CA ALA B 306 -42.07 4.43 -14.28
C ALA B 306 -41.97 5.59 -15.25
N GLU B 307 -43.07 6.36 -15.27
CA GLU B 307 -43.17 7.57 -16.05
C GLU B 307 -42.51 8.69 -15.24
N SER B 308 -41.33 9.12 -15.70
CA SER B 308 -40.59 10.19 -15.05
C SER B 308 -39.97 11.15 -16.08
N ASN B 309 -39.35 12.21 -15.58
CA ASN B 309 -38.62 13.15 -16.43
C ASN B 309 -37.58 12.33 -17.24
N PRO B 310 -37.56 12.45 -18.59
CA PRO B 310 -36.60 11.68 -19.40
C PRO B 310 -35.13 12.04 -19.08
N GLY B 311 -34.86 13.31 -18.77
CA GLY B 311 -33.55 13.73 -18.35
C GLY B 311 -33.13 12.93 -17.12
N SER B 312 -34.00 12.78 -16.13
CA SER B 312 -33.70 11.97 -14.96
C SER B 312 -33.42 10.53 -15.37
N LYS B 313 -34.23 10.00 -16.28
CA LYS B 313 -34.13 8.58 -16.65
C LYS B 313 -32.77 8.32 -17.37
N LYS B 314 -32.41 9.24 -18.28
CA LYS B 314 -31.21 9.04 -19.06
C LYS B 314 -30.00 9.09 -18.14
N ALA B 315 -29.94 10.08 -17.22
CA ALA B 315 -28.81 10.16 -16.25
C ALA B 315 -28.68 8.93 -15.33
N PHE B 316 -29.78 8.49 -14.76
CA PHE B 316 -29.74 7.39 -13.79
C PHE B 316 -29.46 6.07 -14.47
N LEU B 317 -30.13 5.82 -15.60
CA LEU B 317 -29.94 4.54 -16.31
C LEU B 317 -28.50 4.41 -16.77
N ASP B 318 -27.89 5.53 -17.21
CA ASP B 318 -26.47 5.51 -17.58
C ASP B 318 -25.61 5.09 -16.38
N GLU B 319 -25.87 5.69 -15.20
CA GLU B 319 -25.09 5.43 -14.00
C GLU B 319 -25.14 3.97 -13.57
N ILE B 320 -26.31 3.33 -13.66
CA ILE B 320 -26.43 1.95 -13.16
C ILE B 320 -26.06 0.97 -14.28
N LEU B 321 -26.05 1.38 -15.55
CA LEU B 321 -25.77 0.43 -16.65
C LEU B 321 -24.32 0.65 -17.17
N ILE B 322 -24.10 1.74 -17.85
CA ILE B 322 -22.77 2.01 -18.47
C ILE B 322 -21.68 2.07 -17.40
N TRP B 323 -21.84 2.93 -16.41
CA TRP B 323 -20.81 3.12 -15.39
C TRP B 323 -20.62 1.96 -14.43
N LYS B 324 -21.72 1.40 -13.90
CA LYS B 324 -21.57 0.21 -13.04
C LYS B 324 -21.03 -0.98 -13.81
N GLU B 325 -21.57 -1.24 -14.99
CA GLU B 325 -21.12 -2.40 -15.79
C GLU B 325 -19.81 -2.16 -16.50
N ILE B 326 -19.38 -0.92 -16.79
CA ILE B 326 -17.99 -0.72 -17.31
C ILE B 326 -16.99 -0.92 -16.19
N SER B 327 -17.42 -0.78 -14.94
CA SER B 327 -16.49 -1.02 -13.81
C SER B 327 -16.12 -2.50 -13.74
N ASP B 328 -17.08 -3.36 -14.04
CA ASP B 328 -16.82 -4.82 -14.18
C ASP B 328 -15.88 -5.06 -15.38
N ASN B 329 -16.05 -4.31 -16.44
CA ASN B 329 -15.20 -4.44 -17.64
C ASN B 329 -13.74 -4.13 -17.27
N PHE B 330 -13.52 -3.07 -16.50
CA PHE B 330 -12.18 -2.66 -16.10
C PHE B 330 -11.47 -3.72 -15.25
N CYS B 331 -12.13 -4.21 -14.20
CA CYS B 331 -11.53 -5.22 -13.33
C CYS B 331 -11.29 -6.56 -14.07
N TYR B 332 -12.27 -6.94 -14.87
CA TYR B 332 -12.20 -8.20 -15.62
C TYR B 332 -11.05 -8.27 -16.65
N TYR B 333 -10.79 -7.18 -17.37
CA TYR B 333 -9.72 -7.16 -18.36
C TYR B 333 -8.40 -6.51 -17.92
N ASN B 334 -8.32 -6.05 -16.66
CA ASN B 334 -7.09 -5.47 -16.11
C ASN B 334 -6.88 -6.12 -14.74
N PRO B 335 -6.01 -7.15 -14.65
CA PRO B 335 -5.88 -7.85 -13.33
C PRO B 335 -5.37 -6.89 -12.25
N GLY B 336 -4.53 -5.93 -12.63
CA GLY B 336 -4.03 -4.93 -11.69
C GLY B 336 -4.97 -3.72 -11.71
N TYR B 337 -6.25 -3.95 -11.39
CA TYR B 337 -7.27 -2.85 -11.42
C TYR B 337 -7.10 -1.85 -10.27
N ASP B 338 -6.40 -2.25 -9.21
CA ASP B 338 -6.15 -1.36 -8.04
C ASP B 338 -4.68 -0.89 -8.00
N GLY B 339 -4.02 -0.84 -9.17
CA GLY B 339 -2.65 -0.36 -9.24
C GLY B 339 -2.42 0.68 -10.33
N PHE B 340 -1.30 1.39 -10.17
CA PHE B 340 -0.85 2.45 -11.10
C PHE B 340 -0.71 1.97 -12.54
N GLU B 341 -0.35 0.70 -12.70
CA GLU B 341 -0.11 0.10 -14.04
C GLU B 341 -1.39 0.11 -14.92
N SER B 342 -2.56 0.01 -14.26
CA SER B 342 -3.83 -0.05 -15.00
C SER B 342 -4.21 1.30 -15.62
N PHE B 343 -3.53 2.37 -15.21
CA PHE B 343 -3.81 3.70 -15.77
C PHE B 343 -3.43 3.70 -17.26
N PRO B 344 -4.06 4.59 -18.07
CA PRO B 344 -3.67 4.65 -19.50
C PRO B 344 -2.28 5.26 -19.65
N SER B 345 -1.58 4.97 -20.75
CA SER B 345 -0.23 5.46 -20.98
C SER B 345 -0.09 6.96 -20.77
N TRP B 346 -0.98 7.77 -21.31
CA TRP B 346 -0.84 9.23 -21.18
C TRP B 346 -0.86 9.67 -19.71
N ALA B 347 -1.71 9.00 -18.92
CA ALA B 347 -1.90 9.36 -17.50
C ALA B 347 -0.68 8.91 -16.70
N LYS B 348 -0.19 7.68 -16.94
CA LYS B 348 0.99 7.20 -16.25
C LYS B 348 2.16 8.12 -16.63
N GLU B 349 2.32 8.46 -17.87
CA GLU B 349 3.42 9.30 -18.35
C GLU B 349 3.40 10.68 -17.66
N SER B 350 2.22 11.29 -17.65
CA SER B 350 1.99 12.60 -17.07
C SER B 350 2.19 12.58 -15.56
N LEU B 351 1.60 11.62 -14.86
CA LEU B 351 1.80 11.53 -13.40
C LEU B 351 3.26 11.29 -13.05
N ASN B 352 3.94 10.42 -13.81
CA ASN B 352 5.40 10.16 -13.64
C ASN B 352 6.22 11.44 -13.75
N ALA B 353 5.85 12.30 -14.70
CA ALA B 353 6.57 13.59 -14.89
C ALA B 353 6.48 14.51 -13.69
N HIS B 354 5.47 14.34 -12.82
CA HIS B 354 5.19 15.28 -11.72
C HIS B 354 5.40 14.69 -10.30
N ARG B 355 6.10 13.57 -10.21
CA ARG B 355 6.34 12.87 -8.95
C ARG B 355 7.20 13.71 -7.99
N ASN B 356 8.10 14.53 -8.54
CA ASN B 356 9.02 15.33 -7.70
C ASN B 356 8.41 16.66 -7.23
N ASP B 357 7.24 17.03 -7.75
CA ASP B 357 6.62 18.31 -7.43
C ASP B 357 6.24 18.36 -5.95
N VAL B 358 6.42 19.55 -5.35
CA VAL B 358 6.02 19.79 -3.97
C VAL B 358 4.49 19.66 -3.86
N ARG B 359 4.01 18.90 -2.87
CA ARG B 359 2.58 18.82 -2.53
C ARG B 359 2.20 19.99 -1.59
N SER B 360 1.01 20.58 -1.78
CA SER B 360 0.59 21.67 -0.91
C SER B 360 0.42 21.18 0.54
N HIS B 361 -0.11 19.94 0.68
CA HIS B 361 -0.21 19.25 1.96
C HIS B 361 0.11 17.77 1.78
N ILE B 362 0.53 17.09 2.85
CA ILE B 362 0.61 15.65 2.87
C ILE B 362 -0.07 15.11 4.12
N TYR B 363 -1.10 14.31 3.94
CA TYR B 363 -1.79 13.65 5.06
C TYR B 363 -1.51 12.14 5.12
N THR B 364 -1.45 11.59 6.32
CA THR B 364 -1.32 10.16 6.52
C THR B 364 -2.71 9.51 6.38
N LEU B 365 -2.76 8.19 6.29
CA LEU B 365 -4.04 7.48 6.30
C LEU B 365 -4.81 7.86 7.58
N GLU B 366 -4.14 7.89 8.72
CA GLU B 366 -4.87 8.18 9.98
C GLU B 366 -5.52 9.60 9.99
N GLU B 367 -4.77 10.55 9.42
CA GLU B 367 -5.26 11.95 9.37
C GLU B 367 -6.46 12.04 8.44
N PHE B 368 -6.34 11.39 7.30
CA PHE B 368 -7.44 11.28 6.32
C PHE B 368 -8.64 10.58 6.98
N GLU B 369 -8.38 9.50 7.73
CA GLU B 369 -9.43 8.68 8.33
C GLU B 369 -10.25 9.44 9.39
N ALA B 370 -9.58 10.27 10.19
CA ALA B 370 -10.22 11.02 11.30
C ALA B 370 -10.85 12.36 10.81
N GLY B 371 -10.74 12.64 9.52
CA GLY B 371 -11.28 13.89 8.97
C GLY B 371 -10.54 15.07 9.56
N LYS B 372 -9.21 15.01 9.57
CA LYS B 372 -8.40 16.08 10.15
C LYS B 372 -7.53 16.82 9.10
N THR B 373 -8.10 17.06 7.93
CA THR B 373 -7.40 17.91 6.91
C THR B 373 -7.73 19.39 7.11
N HIS B 374 -7.02 20.26 6.40
CA HIS B 374 -7.28 21.71 6.38
C HIS B 374 -8.55 22.11 5.64
N ASP B 375 -9.05 21.20 4.80
CA ASP B 375 -10.19 21.45 3.90
C ASP B 375 -11.50 21.00 4.57
N PRO B 376 -12.39 21.95 4.89
CA PRO B 376 -13.58 21.58 5.67
C PRO B 376 -14.57 20.76 4.85
N LEU B 377 -14.65 21.00 3.52
CA LEU B 377 -15.47 20.17 2.65
C LEU B 377 -14.97 18.70 2.59
N TRP B 378 -13.64 18.55 2.47
CA TRP B 378 -13.08 17.18 2.44
C TRP B 378 -13.41 16.48 3.76
N ASN B 379 -13.27 17.22 4.87
CA ASN B 379 -13.47 16.66 6.20
C ASN B 379 -14.93 16.22 6.42
N ALA B 380 -15.85 17.06 5.97
CA ALA B 380 -17.29 16.78 6.08
C ALA B 380 -17.64 15.53 5.27
N SER B 381 -16.97 15.36 4.12
CA SER B 381 -17.23 14.17 3.26
C SER B 381 -16.78 12.90 3.97
N GLN B 382 -15.60 12.96 4.57
CA GLN B 382 -15.08 11.86 5.39
C GLN B 382 -16.02 11.55 6.58
N MET B 383 -16.57 12.58 7.19
CA MET B 383 -17.45 12.39 8.36
C MET B 383 -18.77 11.74 7.97
N GLU B 384 -19.27 12.02 6.79
CA GLU B 384 -20.48 11.38 6.27
C GLU B 384 -20.21 9.91 6.11
N LEU B 385 -19.07 9.59 5.52
CA LEU B 385 -18.59 8.18 5.36
C LEU B 385 -18.47 7.49 6.71
N LEU B 386 -17.85 8.14 7.70
CA LEU B 386 -17.73 7.53 9.01
C LEU B 386 -19.10 7.24 9.69
N SER B 387 -19.95 8.23 9.74
CA SER B 387 -21.20 8.16 10.54
C SER B 387 -22.35 7.40 9.85
N THR B 388 -22.48 7.52 8.56
CA THR B 388 -23.62 6.90 7.82
C THR B 388 -23.16 5.67 7.02
N GLY B 389 -21.91 5.54 6.67
CA GLY B 389 -21.46 4.38 5.88
C GLY B 389 -21.70 4.56 4.40
N LYS B 390 -22.02 5.78 3.96
CA LYS B 390 -22.32 6.01 2.53
C LYS B 390 -22.05 7.49 2.25
N MET B 391 -21.07 7.77 1.39
CA MET B 391 -20.70 9.14 1.01
C MET B 391 -21.37 9.50 -0.33
N HIS B 392 -21.84 10.74 -0.44
CA HIS B 392 -22.53 11.17 -1.65
C HIS B 392 -21.63 11.00 -2.87
N GLY B 393 -22.19 10.59 -3.99
CA GLY B 393 -21.42 10.32 -5.20
C GLY B 393 -20.64 11.49 -5.76
N TYR B 394 -21.14 12.72 -5.68
CA TYR B 394 -20.35 13.87 -6.15
C TYR B 394 -19.11 14.07 -5.33
N THR B 395 -19.22 14.01 -4.01
CA THR B 395 -18.08 14.32 -3.14
C THR B 395 -17.04 13.18 -3.18
N ARG B 396 -17.45 11.98 -3.56
CA ARG B 396 -16.49 10.87 -3.70
C ARG B 396 -15.46 11.23 -4.77
N MET B 397 -15.83 11.83 -5.87
CA MET B 397 -14.88 12.27 -6.90
C MET B 397 -13.88 13.29 -6.35
N TYR B 398 -14.41 14.29 -5.66
CA TYR B 398 -13.60 15.36 -5.05
C TYR B 398 -12.72 14.77 -3.96
N TRP B 399 -13.30 13.91 -3.10
CA TRP B 399 -12.60 13.20 -2.03
C TRP B 399 -11.38 12.41 -2.53
N ALA B 400 -11.58 11.54 -3.52
CA ALA B 400 -10.45 10.76 -4.11
C ALA B 400 -9.40 11.65 -4.80
N LYS B 401 -9.83 12.72 -5.48
CA LYS B 401 -8.88 13.60 -6.18
C LYS B 401 -8.00 14.42 -5.24
N LYS B 402 -8.53 14.83 -4.09
CA LYS B 402 -7.72 15.51 -3.08
C LYS B 402 -6.76 14.55 -2.40
N ILE B 403 -7.11 13.27 -2.27
CA ILE B 403 -6.16 12.28 -1.78
C ILE B 403 -4.90 12.22 -2.70
N LEU B 404 -5.07 12.25 -4.01
CA LEU B 404 -3.94 12.31 -4.96
C LEU B 404 -3.10 13.56 -4.75
N GLU B 405 -3.78 14.68 -4.54
CA GLU B 405 -3.14 15.99 -4.48
C GLU B 405 -2.32 16.15 -3.21
N TRP B 406 -2.78 15.53 -2.11
CA TRP B 406 -2.16 15.68 -0.78
C TRP B 406 -1.60 14.35 -0.24
N SER B 407 -1.01 13.59 -1.15
CA SER B 407 -0.33 12.32 -0.83
C SER B 407 1.09 12.38 -1.35
N GLU B 408 2.00 11.56 -0.78
CA GLU B 408 3.39 11.59 -1.20
C GLU B 408 3.68 11.08 -2.62
N SER B 409 2.81 10.18 -3.13
CA SER B 409 2.97 9.61 -4.46
C SER B 409 1.64 9.15 -5.02
N PRO B 410 1.55 8.95 -6.36
CA PRO B 410 0.28 8.46 -6.93
C PRO B 410 -0.08 7.09 -6.36
N GLU B 411 0.92 6.24 -6.12
CA GLU B 411 0.67 4.91 -5.57
C GLU B 411 0.07 4.98 -4.17
N LYS B 412 0.59 5.90 -3.35
CA LYS B 412 0.12 6.05 -1.97
C LYS B 412 -1.32 6.58 -1.95
N ALA B 413 -1.66 7.47 -2.94
CA ALA B 413 -3.01 8.00 -3.05
C ALA B 413 -3.98 6.87 -3.32
N LEU B 414 -3.68 6.02 -4.32
CA LEU B 414 -4.47 4.83 -4.60
C LEU B 414 -4.69 3.94 -3.35
N GLU B 415 -3.63 3.71 -2.62
CA GLU B 415 -3.67 2.86 -1.39
C GLU B 415 -4.64 3.42 -0.34
N ILE B 416 -4.49 4.71 -0.07
CA ILE B 416 -5.29 5.40 0.93
C ILE B 416 -6.78 5.48 0.52
N ALA B 417 -7.08 5.84 -0.72
CA ALA B 417 -8.47 5.89 -1.19
C ALA B 417 -9.16 4.52 -1.11
N ILE B 418 -8.47 3.48 -1.54
CA ILE B 418 -8.98 2.10 -1.47
C ILE B 418 -9.16 1.65 -0.03
N CYS B 419 -8.16 1.89 0.85
CA CYS B 419 -8.25 1.50 2.25
C CYS B 419 -9.52 2.12 2.93
N LEU B 420 -9.70 3.41 2.79
CA LEU B 420 -10.82 4.10 3.45
C LEU B 420 -12.17 3.71 2.86
N ASN B 421 -12.24 3.60 1.54
CA ASN B 421 -13.48 3.22 0.84
C ASN B 421 -13.92 1.81 1.27
N ASP B 422 -13.02 0.85 1.19
CA ASP B 422 -13.31 -0.54 1.55
C ASP B 422 -13.58 -0.74 3.04
N ARG B 423 -12.87 -0.03 3.93
CA ARG B 423 -13.09 -0.12 5.37
C ARG B 423 -14.45 0.47 5.83
N TYR B 424 -14.89 1.58 5.24
CA TYR B 424 -16.03 2.36 5.80
C TYR B 424 -17.31 2.48 4.96
N GLU B 425 -17.23 2.30 3.64
CA GLU B 425 -18.44 2.31 2.81
C GLU B 425 -19.09 0.93 2.91
N LEU B 426 -20.38 0.87 3.20
CA LEU B 426 -21.19 -0.34 3.12
C LEU B 426 -21.15 -0.96 1.70
N ASP B 427 -20.99 -0.09 0.70
CA ASP B 427 -20.91 -0.49 -0.73
C ASP B 427 -19.49 -0.72 -1.27
N GLY B 428 -18.50 -0.62 -0.42
CA GLY B 428 -17.07 -0.82 -0.78
C GLY B 428 -16.69 -2.26 -1.03
N ARG B 429 -15.39 -2.49 -1.31
CA ARG B 429 -14.88 -3.76 -1.81
C ARG B 429 -15.59 -4.21 -3.06
N ASP B 430 -15.73 -3.27 -4.00
CA ASP B 430 -16.61 -3.42 -5.18
C ASP B 430 -15.86 -2.91 -6.41
N PRO B 431 -16.10 -3.56 -7.58
CA PRO B 431 -15.48 -3.09 -8.83
C PRO B 431 -15.80 -1.62 -9.11
N ASN B 432 -16.97 -1.17 -8.66
CA ASN B 432 -17.36 0.26 -8.79
C ASN B 432 -16.32 1.17 -8.10
N GLY B 433 -15.85 0.75 -6.92
CA GLY B 433 -14.89 1.49 -6.17
C GLY B 433 -13.54 1.52 -6.80
N TYR B 434 -13.05 0.38 -7.33
CA TYR B 434 -11.73 0.39 -7.96
C TYR B 434 -11.77 1.21 -9.27
N ALA B 435 -12.84 1.08 -10.05
CA ALA B 435 -13.01 1.85 -11.26
C ALA B 435 -13.22 3.36 -11.01
N GLY B 436 -13.91 3.70 -9.94
CA GLY B 436 -14.18 5.11 -9.61
C GLY B 436 -12.92 5.83 -9.14
N ILE B 437 -12.15 5.14 -8.26
CA ILE B 437 -10.89 5.64 -7.79
C ILE B 437 -9.87 5.73 -8.94
N ALA B 438 -9.83 4.75 -9.84
CA ALA B 438 -8.92 4.79 -11.00
C ALA B 438 -9.26 5.96 -11.94
N TRP B 439 -10.56 6.21 -12.12
CA TRP B 439 -11.01 7.42 -12.84
C TRP B 439 -10.50 8.71 -12.19
N SER B 440 -10.68 8.79 -10.86
CA SER B 440 -10.36 10.01 -10.10
C SER B 440 -8.85 10.29 -10.05
N ILE B 441 -8.09 9.28 -9.71
CA ILE B 441 -6.62 9.41 -9.50
C ILE B 441 -5.82 9.22 -10.79
N GLY B 442 -6.21 8.26 -11.64
CA GLY B 442 -5.43 7.92 -12.83
C GLY B 442 -6.02 8.14 -14.25
N GLY B 443 -7.20 8.78 -14.35
CA GLY B 443 -7.74 9.05 -15.66
C GLY B 443 -8.34 7.87 -16.44
N VAL B 444 -8.53 6.73 -15.78
CA VAL B 444 -9.12 5.59 -16.44
C VAL B 444 -10.54 5.96 -16.83
N HIS B 445 -10.88 5.73 -18.10
CA HIS B 445 -12.17 6.10 -18.72
C HIS B 445 -12.45 7.62 -18.70
N ASP B 446 -11.34 8.39 -18.75
CA ASP B 446 -11.40 9.85 -18.79
C ASP B 446 -10.41 10.30 -19.87
N ARG B 447 -10.30 11.61 -20.10
CA ARG B 447 -9.38 12.18 -21.08
C ARG B 447 -8.36 13.11 -20.38
N ALA B 448 -7.31 13.50 -21.10
CA ALA B 448 -6.36 14.45 -20.56
C ALA B 448 -6.95 15.85 -20.44
N TRP B 449 -6.54 16.60 -19.45
CA TRP B 449 -6.99 17.98 -19.20
C TRP B 449 -5.74 18.86 -19.02
N GLY B 450 -5.93 20.14 -18.74
CA GLY B 450 -4.82 21.07 -18.60
C GLY B 450 -3.76 20.60 -17.61
N GLU B 451 -2.49 20.81 -17.97
CA GLU B 451 -1.41 20.31 -17.16
C GLU B 451 -1.29 21.18 -15.88
N ARG B 452 -1.14 20.49 -14.76
CA ARG B 452 -0.96 21.15 -13.46
C ARG B 452 0.19 20.49 -12.74
N GLU B 453 0.78 21.19 -11.77
CA GLU B 453 1.77 20.59 -10.89
C GLU B 453 1.10 19.48 -10.08
N VAL B 454 1.88 18.45 -9.71
CA VAL B 454 1.49 17.32 -8.84
C VAL B 454 0.59 16.32 -9.55
N THR B 455 -0.55 16.80 -10.03
CA THR B 455 -1.58 15.93 -10.62
C THR B 455 -1.51 15.86 -12.16
N GLY B 456 -0.55 16.56 -12.77
CA GLY B 456 -0.36 16.54 -14.21
C GLY B 456 -1.61 16.83 -15.04
N LYS B 457 -1.91 15.93 -15.97
CA LYS B 457 -3.07 16.11 -16.87
C LYS B 457 -4.34 15.36 -16.40
N ILE B 458 -4.33 14.83 -15.18
CA ILE B 458 -5.53 14.25 -14.58
C ILE B 458 -6.54 15.39 -14.29
N ARG B 459 -7.84 15.10 -14.47
CA ARG B 459 -8.91 16.08 -14.26
C ARG B 459 -8.83 16.60 -12.82
N TYR B 460 -8.96 17.93 -12.69
CA TYR B 460 -8.84 18.65 -11.44
C TYR B 460 -10.24 19.09 -10.94
N MET B 461 -10.46 19.05 -9.64
CA MET B 461 -11.70 19.57 -9.03
C MET B 461 -11.34 20.50 -7.86
N SER B 462 -11.98 21.65 -7.81
CA SER B 462 -11.64 22.71 -6.84
C SER B 462 -12.73 22.87 -5.75
N TYR B 463 -12.29 23.28 -4.56
CA TYR B 463 -13.23 23.65 -3.51
C TYR B 463 -14.07 24.83 -4.00
N GLU B 464 -13.42 25.82 -4.62
CA GLU B 464 -14.16 26.99 -5.16
C GLU B 464 -15.17 26.53 -6.23
N GLY B 465 -14.80 25.51 -7.00
CA GLY B 465 -15.67 24.98 -8.04
C GLY B 465 -16.92 24.40 -7.40
N CYS B 466 -16.71 23.78 -6.26
CA CYS B 466 -17.78 23.13 -5.45
C CYS B 466 -18.69 24.17 -4.84
N LYS B 467 -18.17 25.32 -4.41
CA LYS B 467 -19.01 26.42 -3.90
C LYS B 467 -19.98 26.91 -5.01
N ARG B 468 -19.48 26.93 -6.23
CA ARG B 468 -20.29 27.37 -7.40
C ARG B 468 -21.44 26.41 -7.63
N LYS B 469 -21.19 25.10 -7.42
CA LYS B 469 -22.18 24.07 -7.76
C LYS B 469 -23.25 23.75 -6.71
N PHE B 470 -22.97 23.84 -5.42
CA PHE B 470 -23.94 23.56 -4.38
C PHE B 470 -23.64 24.26 -3.05
N ASP B 471 -24.55 24.18 -2.09
CA ASP B 471 -24.36 24.86 -0.81
C ASP B 471 -23.39 24.05 0.06
N VAL B 472 -22.09 24.30 -0.12
CA VAL B 472 -21.03 23.64 0.59
C VAL B 472 -21.16 23.86 2.11
N LYS B 473 -21.67 25.03 2.49
CA LYS B 473 -21.80 25.41 3.91
C LYS B 473 -22.84 24.52 4.60
N LEU B 474 -23.93 24.19 3.90
CA LEU B 474 -24.95 23.30 4.49
C LEU B 474 -24.40 21.87 4.77
N TYR B 475 -23.66 21.35 3.78
CA TYR B 475 -23.07 20.01 3.83
C TYR B 475 -22.10 19.91 5.03
N ILE B 476 -21.22 20.90 5.17
CA ILE B 476 -20.30 20.99 6.31
C ILE B 476 -21.07 21.03 7.63
N GLU B 477 -22.19 21.76 7.62
CA GLU B 477 -23.04 21.87 8.80
C GLU B 477 -23.64 20.53 9.22
N LYS B 478 -24.10 19.74 8.26
CA LYS B 478 -24.70 18.44 8.52
C LYS B 478 -23.70 17.49 9.29
N TYR B 479 -22.46 17.43 8.84
CA TYR B 479 -21.46 16.52 9.37
C TYR B 479 -20.40 17.28 10.14
N SER B 480 -20.60 18.54 10.50
CA SER B 480 -19.61 19.27 11.25
C SER B 480 -19.35 18.59 12.59
P TTD C 7 26.54 -7.83 -11.79
OP1 TTD C 7 25.72 -6.58 -11.98
OP2 TTD C 7 27.99 -7.79 -11.37
O5' TTD C 7 25.71 -8.96 -10.99
C5' TTD C 7 25.45 -8.75 -9.62
C4R TTD C 7 25.70 -10.02 -8.81
O4' TTD C 7 25.67 -9.68 -7.40
C3R TTD C 7 24.65 -11.09 -9.04
O3R TTD C 7 25.30 -12.36 -9.17
C2' TTD C 7 23.80 -10.93 -7.78
C1' TTD C 7 24.81 -10.59 -6.69
N1 TTD C 7 24.28 -10.00 -5.43
C2 TTD C 7 25.20 -9.71 -4.50
O2 TTD C 7 26.30 -10.21 -4.57
N3 TTD C 7 24.94 -8.88 -3.48
C4 TTD C 7 23.78 -8.25 -3.30
O4 TTD C 7 23.67 -7.38 -2.46
C5 TTD C 7 22.58 -8.60 -4.14
C5A TTD C 7 22.02 -7.35 -4.82
C6 TTD C 7 22.86 -9.73 -5.14
PB TTD C 7 24.60 -13.81 -9.16
O5P TTD C 7 25.65 -14.86 -9.33
O4P TTD C 7 23.45 -13.82 -10.14
O5R TTD C 7 24.03 -13.94 -7.68
C5R TTD C 7 24.47 -14.94 -6.78
O4R TTD C 7 24.04 -13.24 -5.04
C2R TTD C 7 21.83 -13.70 -4.66
C1R TTD C 7 23.05 -13.06 -4.03
N1T TTD C 7 23.01 -11.65 -3.55
C2T TTD C 7 23.00 -11.61 -2.10
O2T TTD C 7 23.68 -12.41 -1.47
N3T TTD C 7 22.36 -10.70 -1.37
C4T TTD C 7 21.74 -9.66 -1.88
O4T TTD C 7 21.29 -8.79 -1.16
C5T TTD C 7 21.60 -9.53 -3.39
C5M TTD C 7 20.14 -9.15 -3.62
C6T TTD C 7 22.11 -10.71 -4.22
C4' TTD C 7 23.95 -14.63 -5.37
C3' TTD C 7 22.47 -14.93 -5.25
O3' TTD C 7 22.27 -16.03 -4.38
P TTD E 7 -17.81 10.44 -22.48
OP1 TTD E 7 -17.38 8.99 -22.59
OP2 TTD E 7 -19.31 10.68 -22.39
O5' TTD E 7 -17.20 11.11 -21.15
C5' TTD E 7 -17.70 10.73 -19.87
C4R TTD E 7 -18.50 11.86 -19.22
O4' TTD E 7 -19.28 11.32 -18.15
C3R TTD E 7 -17.61 12.94 -18.61
O3R TTD E 7 -18.13 14.22 -18.95
C2' TTD E 7 -17.70 12.66 -17.12
C1' TTD E 7 -19.11 12.11 -16.96
N1 TTD E 7 -19.38 11.30 -15.74
C2 TTD E 7 -20.64 10.91 -15.56
O2 TTD E 7 -21.56 11.50 -16.11
N3 TTD E 7 -20.95 9.85 -14.80
C4 TTD E 7 -20.08 9.14 -14.06
O4 TTD E 7 -20.44 8.16 -13.43
C5 TTD E 7 -18.63 9.57 -13.99
C5A TTD E 7 -17.70 8.44 -14.48
C6 TTD E 7 -18.35 10.87 -14.76
PB TTD E 7 -17.40 15.62 -18.69
O5P TTD E 7 -18.18 16.71 -19.37
O4P TTD E 7 -15.94 15.47 -19.08
O5R TTD E 7 -17.64 15.88 -17.11
C5R TTD E 7 -18.97 15.99 -16.61
O4R TTD E 7 -19.54 14.30 -14.90
C2R TTD E 7 -17.88 14.65 -13.34
C1R TTD E 7 -19.25 14.00 -13.54
N1T TTD E 7 -19.47 12.54 -13.28
C2T TTD E 7 -20.30 12.28 -12.13
O2T TTD E 7 -21.22 13.04 -11.87
N3T TTD E 7 -20.18 11.20 -11.36
C4T TTD E 7 -19.31 10.22 -11.55
O4T TTD E 7 -19.33 9.24 -10.82
C5T TTD E 7 -18.30 10.31 -12.67
C5M TTD E 7 -16.93 9.92 -12.10
C6T TTD E 7 -18.31 11.64 -13.45
C4' TTD E 7 -19.19 15.67 -15.12
C3' TTD E 7 -18.03 15.92 -14.17
O3' TTD E 7 -18.39 16.98 -13.28
S SO4 G . 7.28 -3.24 19.03
O1 SO4 G . 7.55 -2.37 20.17
O2 SO4 G . 5.82 -3.28 18.82
O3 SO4 G . 7.78 -4.61 19.26
O4 SO4 G . 7.91 -2.66 17.81
PA FAD H . 26.14 -7.00 5.95
O1A FAD H . 27.11 -6.81 7.07
O2A FAD H . 26.34 -8.17 5.04
O5B FAD H . 26.11 -5.72 5.01
C5B FAD H . 26.69 -4.52 5.49
C4B FAD H . 26.06 -3.36 4.73
O4B FAD H . 26.16 -3.54 3.31
C3B FAD H . 24.58 -3.21 5.07
O3B FAD H . 24.38 -2.52 6.31
C2B FAD H . 24.13 -2.44 3.86
O2B FAD H . 24.37 -1.05 4.02
C1B FAD H . 24.99 -2.97 2.74
N9A FAD H . 24.25 -4.02 2.02
C8A FAD H . 24.32 -5.36 2.16
N7A FAD H . 23.46 -5.98 1.29
C5A FAD H . 22.84 -5.00 0.60
C6A FAD H . 21.83 -4.94 -0.47
N6A FAD H . 21.28 -6.05 -0.98
N1A FAD H . 21.47 -3.73 -0.91
C2A FAD H . 22.02 -2.60 -0.39
N3A FAD H . 22.95 -2.59 0.58
C4A FAD H . 23.38 -3.74 1.09
N1 FAD H . 19.00 -2.99 4.14
C2 FAD H . 18.71 -1.96 4.99
O2 FAD H . 19.66 -1.27 5.46
N3 FAD H . 17.43 -1.66 5.31
C4 FAD H . 16.40 -2.37 4.84
O4 FAD H . 15.24 -2.07 5.17
C4X FAD H . 16.64 -3.51 3.93
N5 FAD H . 15.64 -4.27 3.42
C5X FAD H . 15.91 -5.28 2.57
C6 FAD H . 14.85 -6.01 2.07
C7 FAD H . 15.07 -7.07 1.19
C7M FAD H . 13.90 -7.86 0.65
C8 FAD H . 16.46 -7.40 0.79
C8M FAD H . 16.75 -8.54 -0.14
C9 FAD H . 17.51 -6.68 1.31
C9A FAD H . 17.30 -5.63 2.18
N10 FAD H . 18.37 -4.87 2.71
C10 FAD H . 18.06 -3.79 3.58
C1' FAD H . 19.78 -5.16 2.35
C2' FAD H . 20.42 -6.17 3.30
O2' FAD H . 19.61 -7.32 3.53
C3' FAD H . 20.67 -5.57 4.67
O3' FAD H . 21.20 -4.24 4.59
C4' FAD H . 21.61 -6.45 5.48
O4' FAD H . 21.04 -7.75 5.66
C5' FAD H . 21.83 -5.78 6.81
O5' FAD H . 22.56 -6.63 7.69
P FAD H . 24.12 -6.37 7.91
O1P FAD H . 24.49 -7.31 9.01
O2P FAD H . 24.32 -4.89 7.91
O3P FAD H . 24.64 -6.96 6.50
C ACT I . 30.37 29.94 -0.84
O ACT I . 31.46 30.43 -1.19
OXT ACT I . 30.20 29.46 0.29
CH3 ACT I . 29.22 29.94 -1.82
PA FAD J . -26.85 6.80 -7.47
O1A FAD J . -28.32 6.65 -7.11
O2A FAD J . -26.40 8.09 -8.13
O5B FAD J . -26.37 5.61 -8.41
C5B FAD J . -27.12 4.41 -8.55
C4B FAD J . -26.18 3.28 -8.92
O4B FAD J . -25.49 3.56 -10.14
C3B FAD J . -25.10 3.05 -7.88
O3B FAD J . -25.57 2.31 -6.76
C2B FAD J . -24.01 2.39 -8.70
O2B FAD J . -24.18 0.97 -8.79
C1B FAD J . -24.17 3.03 -10.07
N9A FAD J . -23.15 4.09 -10.22
C8A FAD J . -23.32 5.42 -10.02
N7A FAD J . -22.16 6.08 -10.25
C5A FAD J . -21.23 5.17 -10.59
C6A FAD J . -19.79 5.17 -10.97
N6A FAD J . -19.07 6.31 -11.03
N1A FAD J . -19.21 3.99 -11.25
C2A FAD J . -19.89 2.83 -11.21
N3A FAD J . -21.18 2.74 -10.88
C4A FAD J . -21.89 3.86 -10.56
N1 FAD J . -19.68 2.71 -5.83
C2 FAD J . -19.78 1.59 -5.06
O2 FAD J . -20.77 0.85 -5.17
N3 FAD J . -18.86 1.24 -4.16
C4 FAD J . -17.76 1.97 -3.97
O4 FAD J . -16.92 1.61 -3.13
C4X FAD J . -17.57 3.20 -4.78
N5 FAD J . -16.48 3.96 -4.62
C5X FAD J . -16.30 5.08 -5.35
C6 FAD J . -15.14 5.82 -5.13
C7 FAD J . -14.90 6.98 -5.85
C7M FAD J . -13.65 7.74 -5.59
C8 FAD J . -15.89 7.42 -6.87
C8M FAD J . -15.69 8.67 -7.69
C9 FAD J . -17.04 6.67 -7.08
C9A FAD J . -17.31 5.51 -6.37
N10 FAD J . -18.49 4.72 -6.55
C10 FAD J . -18.63 3.54 -5.76
C1' FAD J . -19.54 5.09 -7.53
C2' FAD J . -20.60 6.03 -6.92
O2' FAD J . -20.01 7.21 -6.37
C3' FAD J . -21.47 5.38 -5.82
O3' FAD J . -21.83 4.05 -6.25
C4' FAD J . -22.76 6.13 -5.47
O4' FAD J . -22.55 7.28 -4.63
C5' FAD J . -23.67 5.17 -4.74
O5' FAD J . -24.82 5.80 -4.16
P FAD J . -26.25 5.71 -4.85
O1P FAD J . -26.51 4.27 -5.22
O2P FAD J . -27.16 6.48 -3.93
O3P FAD J . -25.92 6.59 -6.17
#